data_8IVT
#
_entry.id   8IVT
#
_cell.length_a   51.140
_cell.length_b   139.597
_cell.length_c   58.188
_cell.angle_alpha   90.000
_cell.angle_beta   101.430
_cell.angle_gamma   90.000
#
_symmetry.space_group_name_H-M   'P 1 21 1'
#
loop_
_entity.id
_entity.type
_entity.pdbx_description
1 polymer 'Alpha/beta fold hydrolase'
2 non-polymer 'METHYL 2-[4-METHOXY-6-METHYL-1,3,5-TRAZIN-2-YL(METHYL)CARBAMOYLSULFAMOYL]BENZOATE'
3 non-polymer 'L(+)-TARTARIC ACID'
4 non-polymer GLYCEROL
5 water water
#
_entity_poly.entity_id   1
_entity_poly.type   'polypeptide(L)'
_entity_poly.pdbx_seq_one_letter_code
;METDNVELAQSKRKVVLAEQGSFYIGGRTVTGPGKFDPSKPVIPYSNEGATFYINQMYVNFQAPVRPRGLPLVFWHGGGL
TGHIWESTPDGRPGFQTLFVQDRHTVYTIDQPGRGRGNIPTFNGPFGQLEEESIVNTVTGNSSKEGAWVRDRLGPAPGQF
FENSQFPRGYEDNYFKEMGFSPSISSDEIVDAVVKLVTHIGPCVLVTHAASGVLGMRVATHAKNVRGIVAYEPATSIFPK
GKVPEIPPLADKKSQIFPPFEIQESYFKKLAKIPIQFVFGDNIPKNPKSAYWFLDWWRVTRYAHSLSLEAINKLGGQASL
LDLPTAGLRGNTAFPFTDRNNVQVASLLSDFLGKHGLDQNESLEHHHHHH
;
_entity_poly.pdbx_strand_id   A,B
#
loop_
_chem_comp.id
_chem_comp.type
_chem_comp.name
_chem_comp.formula
1TB non-polymer 'METHYL 2-[4-METHOXY-6-METHYL-1,3,5-TRAZIN-2-YL(METHYL)CARBAMOYLSULFAMOYL]BENZOATE' 'C15 H17 N5 O6 S'
GOL non-polymer GLYCEROL 'C3 H8 O3'
TLA non-polymer 'L(+)-TARTARIC ACID' 'C4 H6 O6'
#
# COMPACT_ATOMS: atom_id res chain seq x y z
N LYS A 12 -16.75 -18.35 7.25
CA LYS A 12 -17.26 -17.36 8.20
C LYS A 12 -16.40 -16.09 8.18
N ARG A 13 -16.99 -14.95 7.81
CA ARG A 13 -16.21 -13.75 7.51
C ARG A 13 -16.24 -12.68 8.62
N LYS A 14 -17.06 -12.87 9.68
CA LYS A 14 -17.22 -11.82 10.69
C LYS A 14 -16.01 -11.74 11.59
N VAL A 15 -15.70 -10.51 12.02
CA VAL A 15 -14.54 -10.25 12.84
C VAL A 15 -14.90 -9.13 13.80
N VAL A 16 -14.53 -9.29 15.06
CA VAL A 16 -14.78 -8.29 16.10
C VAL A 16 -13.44 -7.79 16.58
N LEU A 17 -13.18 -6.48 16.38
CA LEU A 17 -11.90 -5.87 16.67
C LEU A 17 -12.02 -4.97 17.89
N ALA A 18 -11.18 -5.21 18.89
CA ALA A 18 -11.04 -4.26 19.98
C ALA A 18 -10.45 -2.95 19.48
N GLU A 19 -9.56 -3.03 18.49
CA GLU A 19 -9.01 -1.83 17.85
C GLU A 19 -8.35 -2.24 16.54
N GLN A 20 -8.23 -1.27 15.65
CA GLN A 20 -7.46 -1.45 14.43
C GLN A 20 -6.84 -0.13 14.05
N GLY A 21 -5.81 -0.20 13.21
CA GLY A 21 -5.21 1.02 12.72
C GLY A 21 -3.93 0.73 11.98
N SER A 22 -3.24 1.81 11.64
CA SER A 22 -1.97 1.68 10.93
C SER A 22 -1.07 2.85 11.28
N PHE A 23 0.23 2.66 11.02
CA PHE A 23 1.22 3.65 11.39
C PHE A 23 2.47 3.41 10.56
N TYR A 24 3.33 4.44 10.54
CA TYR A 24 4.64 4.37 9.91
C TYR A 24 5.71 4.24 10.98
N ILE A 25 6.75 3.46 10.66
CA ILE A 25 7.86 3.25 11.59
C ILE A 25 9.14 3.03 10.79
N GLY A 26 10.26 3.42 11.39
CA GLY A 26 11.56 3.23 10.77
C GLY A 26 11.82 4.27 9.69
N GLY A 27 12.96 4.10 9.02
CA GLY A 27 13.38 5.00 7.97
C GLY A 27 14.36 6.05 8.49
N ARG A 28 14.78 6.91 7.57
CA ARG A 28 15.71 8.00 7.87
C ARG A 28 15.31 9.20 7.02
N THR A 29 16.15 10.23 7.00
CA THR A 29 15.93 11.38 6.13
C THR A 29 17.18 11.65 5.30
N VAL A 30 16.96 12.27 4.15
CA VAL A 30 18.02 12.83 3.32
C VAL A 30 17.60 14.25 2.94
N THR A 31 18.60 15.08 2.66
CA THR A 31 18.33 16.50 2.45
C THR A 31 18.91 16.96 1.12
N GLY A 32 18.14 17.81 0.43
CA GLY A 32 18.64 18.50 -0.73
C GLY A 32 19.49 19.69 -0.36
N PRO A 33 20.04 20.36 -1.37
CA PRO A 33 20.88 21.52 -1.11
C PRO A 33 20.05 22.79 -0.94
N GLY A 34 20.67 23.78 -0.32
CA GLY A 34 20.03 25.09 -0.20
C GLY A 34 18.98 25.16 0.89
N LYS A 35 18.15 26.22 0.77
CA LYS A 35 17.11 26.54 1.73
C LYS A 35 15.76 26.62 1.06
N PHE A 36 14.72 26.54 1.89
CA PHE A 36 13.35 26.60 1.43
C PHE A 36 12.78 28.00 1.72
N ASP A 37 12.26 28.64 0.68
CA ASP A 37 11.66 29.97 0.81
C ASP A 37 10.16 29.85 0.58
N PRO A 38 9.32 30.06 1.60
CA PRO A 38 7.87 29.88 1.41
C PRO A 38 7.22 30.89 0.47
N SER A 39 7.91 31.99 0.14
CA SER A 39 7.36 32.97 -0.80
C SER A 39 7.51 32.55 -2.25
N LYS A 40 8.41 31.62 -2.53
CA LYS A 40 8.65 31.22 -3.91
C LYS A 40 7.72 30.09 -4.30
N PRO A 41 7.44 29.92 -5.59
CA PRO A 41 6.51 28.87 -6.02
C PRO A 41 6.91 27.50 -5.51
N VAL A 42 5.98 26.84 -4.80
CA VAL A 42 6.27 25.54 -4.20
C VAL A 42 6.13 24.40 -5.19
N ILE A 43 5.31 24.59 -6.23
CA ILE A 43 5.10 23.60 -7.27
C ILE A 43 5.44 24.27 -8.59
N PRO A 44 6.20 23.61 -9.50
CA PRO A 44 6.76 22.26 -9.41
C PRO A 44 7.69 22.06 -8.23
N TYR A 45 7.62 20.89 -7.61
CA TYR A 45 8.41 20.62 -6.42
C TYR A 45 9.89 20.60 -6.74
N SER A 46 10.68 21.01 -5.76
CA SER A 46 12.12 21.19 -5.88
C SER A 46 12.82 20.43 -4.76
N ASN A 47 14.05 20.01 -5.03
CA ASN A 47 14.91 19.50 -3.97
C ASN A 47 15.53 20.60 -3.11
N GLU A 48 15.39 21.85 -3.51
CA GLU A 48 16.06 22.93 -2.78
C GLU A 48 15.46 23.11 -1.40
N GLY A 49 16.31 23.05 -0.38
CA GLY A 49 15.85 23.13 0.99
C GLY A 49 15.05 21.94 1.46
N ALA A 50 15.09 20.82 0.74
CA ALA A 50 14.19 19.71 0.99
C ALA A 50 14.73 18.75 2.06
N THR A 51 13.83 18.30 2.91
CA THR A 51 14.02 17.10 3.73
C THR A 51 13.07 16.05 3.18
N PHE A 52 13.59 14.86 2.90
CA PHE A 52 12.79 13.74 2.43
C PHE A 52 12.89 12.61 3.44
N TYR A 53 11.75 12.11 3.89
CA TYR A 53 11.74 10.89 4.68
C TYR A 53 11.81 9.71 3.73
N ILE A 54 12.78 8.82 3.95
CA ILE A 54 12.99 7.66 3.08
C ILE A 54 13.06 6.37 3.87
N ASN A 55 12.64 5.29 3.21
CA ASN A 55 12.83 3.92 3.67
C ASN A 55 12.00 3.55 4.89
N GLN A 56 10.95 4.32 5.18
CA GLN A 56 10.03 3.97 6.25
C GLN A 56 9.10 2.84 5.81
N MET A 57 8.49 2.20 6.81
CA MET A 57 7.66 1.03 6.62
C MET A 57 6.24 1.31 7.09
N TYR A 58 5.26 0.76 6.37
CA TYR A 58 3.86 0.84 6.76
C TYR A 58 3.47 -0.40 7.57
N VAL A 59 2.70 -0.18 8.64
CA VAL A 59 2.28 -1.26 9.54
C VAL A 59 0.79 -1.13 9.81
N ASN A 60 0.05 -2.22 9.62
CA ASN A 60 -1.36 -2.30 9.95
C ASN A 60 -1.53 -3.30 11.09
N PHE A 61 -2.45 -3.01 12.02
CA PHE A 61 -2.74 -3.96 13.08
C PHE A 61 -4.24 -4.09 13.29
N GLN A 62 -4.64 -5.29 13.71
CA GLN A 62 -6.01 -5.59 14.09
C GLN A 62 -5.94 -6.45 15.35
N ALA A 63 -6.60 -6.00 16.41
CA ALA A 63 -6.54 -6.68 17.69
C ALA A 63 -7.91 -7.23 18.03
N PRO A 64 -8.01 -8.51 18.39
CA PRO A 64 -9.30 -9.06 18.80
C PRO A 64 -9.62 -8.62 20.23
N VAL A 65 -10.86 -8.88 20.64
CA VAL A 65 -11.21 -8.75 22.05
C VAL A 65 -10.63 -9.93 22.81
N ARG A 66 -10.02 -9.65 23.96
CA ARG A 66 -9.32 -10.64 24.79
C ARG A 66 -8.35 -11.47 23.96
N PRO A 67 -7.24 -10.89 23.51
CA PRO A 67 -6.25 -11.65 22.74
C PRO A 67 -5.62 -12.74 23.60
N ARG A 68 -5.13 -13.78 22.93
CA ARG A 68 -4.56 -14.94 23.58
C ARG A 68 -3.24 -15.27 22.91
N GLY A 69 -2.15 -15.20 23.68
CA GLY A 69 -0.85 -15.48 23.11
C GLY A 69 -0.22 -14.26 22.46
N LEU A 70 0.81 -14.52 21.65
CA LEU A 70 1.61 -13.42 21.15
C LEU A 70 1.06 -12.87 19.85
N PRO A 71 1.29 -11.59 19.59
CA PRO A 71 0.92 -11.04 18.28
C PRO A 71 1.71 -11.69 17.16
N LEU A 72 1.06 -11.82 16.01
CA LEU A 72 1.69 -12.35 14.80
C LEU A 72 2.02 -11.20 13.88
N VAL A 73 3.22 -11.23 13.29
CA VAL A 73 3.64 -10.24 12.30
C VAL A 73 3.79 -10.97 10.98
N PHE A 74 2.87 -10.70 10.05
CA PHE A 74 2.87 -11.34 8.74
C PHE A 74 3.66 -10.47 7.76
N TRP A 75 4.67 -11.07 7.12
CA TRP A 75 5.64 -10.34 6.31
C TRP A 75 5.62 -10.91 4.89
N HIS A 76 5.09 -10.14 3.95
CA HIS A 76 4.92 -10.55 2.56
C HIS A 76 6.25 -10.90 1.90
N GLY A 77 6.17 -11.73 0.87
CA GLY A 77 7.33 -12.07 0.07
C GLY A 77 7.71 -10.99 -0.94
N GLY A 78 8.63 -11.35 -1.83
CA GLY A 78 9.21 -10.40 -2.75
C GLY A 78 8.21 -9.81 -3.71
N GLY A 79 8.21 -8.48 -3.83
CA GLY A 79 7.32 -7.82 -4.76
C GLY A 79 5.87 -7.81 -4.36
N LEU A 80 5.56 -8.06 -3.10
CA LEU A 80 4.18 -8.17 -2.62
C LEU A 80 3.89 -7.11 -1.58
N THR A 81 2.70 -7.18 -0.99
CA THR A 81 2.29 -6.27 0.08
C THR A 81 1.43 -7.05 1.06
N GLY A 82 0.99 -6.36 2.11
CA GLY A 82 0.11 -6.99 3.08
C GLY A 82 -1.21 -7.48 2.51
N HIS A 83 -1.58 -7.05 1.29
CA HIS A 83 -2.78 -7.59 0.64
C HIS A 83 -2.84 -9.11 0.71
N ILE A 84 -1.69 -9.79 0.59
CA ILE A 84 -1.72 -11.25 0.47
C ILE A 84 -2.19 -11.91 1.75
N TRP A 85 -2.13 -11.21 2.87
CA TRP A 85 -2.65 -11.73 4.14
C TRP A 85 -4.08 -11.29 4.40
N GLU A 86 -4.59 -10.32 3.62
CA GLU A 86 -5.95 -9.82 3.83
C GLU A 86 -6.97 -10.71 3.14
N SER A 87 -6.72 -11.06 1.89
CA SER A 87 -7.67 -11.80 1.09
C SER A 87 -6.90 -12.62 0.07
N THR A 88 -7.54 -13.69 -0.40
CA THR A 88 -7.02 -14.47 -1.53
C THR A 88 -7.43 -13.79 -2.83
N PRO A 89 -6.83 -14.18 -3.96
CA PRO A 89 -7.18 -13.49 -5.22
C PRO A 89 -8.65 -13.65 -5.58
N ASP A 90 -9.29 -14.74 -5.15
CA ASP A 90 -10.71 -14.96 -5.38
C ASP A 90 -11.59 -14.45 -4.25
N GLY A 91 -11.04 -13.69 -3.31
CA GLY A 91 -11.86 -12.98 -2.36
C GLY A 91 -12.19 -13.73 -1.09
N ARG A 92 -11.54 -14.85 -0.83
CA ARG A 92 -11.74 -15.55 0.43
C ARG A 92 -10.88 -14.91 1.52
N PRO A 93 -11.26 -15.08 2.78
CA PRO A 93 -10.48 -14.47 3.87
C PRO A 93 -9.02 -14.92 3.88
N GLY A 94 -8.13 -13.96 4.10
CA GLY A 94 -6.73 -14.24 4.30
C GLY A 94 -6.39 -14.50 5.76
N PHE A 95 -5.10 -14.75 6.00
CA PHE A 95 -4.64 -15.12 7.34
C PHE A 95 -4.88 -14.01 8.36
N GLN A 96 -4.99 -12.75 7.94
CA GLN A 96 -5.29 -11.68 8.87
C GLN A 96 -6.63 -11.95 9.57
N THR A 97 -7.69 -12.17 8.78
CA THR A 97 -8.99 -12.49 9.35
C THR A 97 -8.94 -13.79 10.13
N LEU A 98 -8.33 -14.83 9.57
CA LEU A 98 -8.35 -16.13 10.21
C LEU A 98 -7.68 -16.10 11.58
N PHE A 99 -6.60 -15.33 11.71
CA PHE A 99 -5.87 -15.33 12.97
C PHE A 99 -6.39 -14.31 13.98
N VAL A 100 -7.07 -13.27 13.53
CA VAL A 100 -7.85 -12.47 14.48
C VAL A 100 -8.96 -13.31 15.06
N GLN A 101 -9.64 -14.11 14.20
CA GLN A 101 -10.64 -15.05 14.69
C GLN A 101 -10.03 -16.08 15.63
N ASP A 102 -8.76 -16.45 15.41
CA ASP A 102 -8.03 -17.35 16.29
C ASP A 102 -7.48 -16.64 17.52
N ARG A 103 -7.92 -15.39 17.76
CA ARG A 103 -7.68 -14.65 19.00
C ARG A 103 -6.24 -14.15 19.13
N HIS A 104 -5.55 -13.94 18.00
CA HIS A 104 -4.27 -13.27 18.00
C HIS A 104 -4.42 -11.85 17.46
N THR A 105 -3.69 -10.91 18.06
CA THR A 105 -3.47 -9.63 17.42
C THR A 105 -2.60 -9.86 16.20
N VAL A 106 -2.95 -9.21 15.09
CA VAL A 106 -2.32 -9.46 13.81
C VAL A 106 -1.75 -8.15 13.26
N TYR A 107 -0.45 -8.14 13.03
CA TYR A 107 0.22 -7.06 12.31
C TYR A 107 0.49 -7.51 10.88
N THR A 108 0.23 -6.64 9.92
CA THR A 108 0.65 -6.85 8.54
C THR A 108 1.44 -5.63 8.11
N ILE A 109 2.56 -5.87 7.43
CA ILE A 109 3.44 -4.78 7.01
C ILE A 109 3.51 -4.67 5.50
N ASP A 110 3.79 -3.47 5.03
CA ASP A 110 4.33 -3.23 3.69
C ASP A 110 5.75 -2.75 3.92
N GLN A 111 6.74 -3.58 3.60
CA GLN A 111 8.12 -3.27 3.98
C GLN A 111 8.62 -2.05 3.19
N PRO A 112 9.72 -1.42 3.63
CA PRO A 112 10.26 -0.30 2.84
C PRO A 112 10.45 -0.71 1.39
N GLY A 113 9.99 0.15 0.48
CA GLY A 113 10.09 -0.10 -0.94
C GLY A 113 8.92 -0.80 -1.58
N ARG A 114 7.90 -1.19 -0.81
CA ARG A 114 6.77 -1.96 -1.34
C ARG A 114 5.47 -1.40 -0.81
N GLY A 115 4.47 -1.32 -1.68
CA GLY A 115 3.14 -0.90 -1.25
C GLY A 115 3.17 0.45 -0.55
N ARG A 116 2.56 0.50 0.64
CA ARG A 116 2.50 1.73 1.41
C ARG A 116 3.82 2.10 2.07
N GLY A 117 4.82 1.22 2.01
CA GLY A 117 6.17 1.60 2.42
C GLY A 117 6.74 2.63 1.47
N ASN A 118 7.84 3.27 1.90
CA ASN A 118 8.38 4.36 1.08
C ASN A 118 9.13 3.83 -0.15
N ILE A 119 8.93 4.52 -1.27
CA ILE A 119 9.75 4.34 -2.46
C ILE A 119 10.63 5.60 -2.59
N PRO A 120 11.93 5.50 -2.33
CA PRO A 120 12.76 6.71 -2.19
C PRO A 120 13.15 7.33 -3.53
N THR A 121 12.36 8.32 -3.95
CA THR A 121 12.65 9.05 -5.17
C THR A 121 12.26 10.50 -4.98
N PHE A 122 12.77 11.37 -5.86
CA PHE A 122 12.79 12.80 -5.58
C PHE A 122 12.43 13.59 -6.82
N ASN A 123 13.04 14.76 -7.00
CA ASN A 123 12.86 15.53 -8.23
C ASN A 123 14.09 15.31 -9.11
N GLY A 124 13.93 14.44 -10.11
CA GLY A 124 15.03 14.03 -10.94
C GLY A 124 14.85 12.58 -11.35
N PRO A 125 15.84 12.02 -12.04
CA PRO A 125 15.77 10.62 -12.45
C PRO A 125 15.50 9.73 -11.25
N PHE A 126 14.72 8.67 -11.48
CA PHE A 126 14.23 7.83 -10.38
C PHE A 126 15.35 7.43 -9.43
N GLY A 127 15.14 7.70 -8.14
CA GLY A 127 16.04 7.29 -7.09
C GLY A 127 17.21 8.23 -6.85
N GLN A 128 17.37 9.28 -7.65
CA GLN A 128 18.54 10.14 -7.61
C GLN A 128 18.20 11.44 -6.88
N LEU A 129 19.00 11.76 -5.87
CA LEU A 129 18.89 13.02 -5.15
C LEU A 129 20.13 13.83 -5.48
N GLU A 130 19.99 14.77 -6.42
CA GLU A 130 21.14 15.48 -6.96
C GLU A 130 22.19 14.49 -7.45
N GLU A 131 23.41 14.55 -6.92
CA GLU A 131 24.46 13.63 -7.37
C GLU A 131 24.50 12.31 -6.60
N GLU A 132 23.55 12.05 -5.69
CA GLU A 132 23.57 10.83 -4.90
C GLU A 132 22.51 9.87 -5.39
N SER A 133 22.90 8.63 -5.64
CA SER A 133 21.96 7.58 -6.05
C SER A 133 21.48 6.89 -4.78
N ILE A 134 20.24 7.18 -4.39
CA ILE A 134 19.65 6.57 -3.21
C ILE A 134 19.20 5.15 -3.52
N VAL A 135 18.51 4.98 -4.65
CA VAL A 135 18.25 3.67 -5.24
C VAL A 135 18.50 3.78 -6.74
N ASN A 136 18.68 2.61 -7.37
CA ASN A 136 19.04 2.56 -8.79
C ASN A 136 17.88 3.05 -9.67
N THR A 137 18.24 3.80 -10.72
CA THR A 137 17.26 4.22 -11.72
C THR A 137 16.76 3.04 -12.56
N VAL A 138 17.62 2.07 -12.85
CA VAL A 138 17.22 0.87 -13.59
C VAL A 138 16.54 -0.11 -12.63
N THR A 139 15.33 -0.52 -12.97
CA THR A 139 14.58 -1.44 -12.14
C THR A 139 14.61 -2.84 -12.73
N GLY A 140 14.18 -3.81 -11.91
CA GLY A 140 13.84 -5.13 -12.40
C GLY A 140 12.46 -5.51 -11.89
N ASN A 141 11.81 -6.43 -12.61
CA ASN A 141 10.45 -6.81 -12.24
C ASN A 141 10.07 -8.09 -12.97
N SER A 142 9.49 -9.03 -12.26
CA SER A 142 9.05 -10.26 -12.89
C SER A 142 7.88 -10.00 -13.83
N SER A 143 7.78 -10.84 -14.85
CA SER A 143 6.60 -10.91 -15.68
C SER A 143 5.58 -11.86 -15.07
N LYS A 144 4.38 -11.84 -15.64
CA LYS A 144 3.39 -12.86 -15.33
C LYS A 144 3.96 -14.26 -15.55
N GLU A 145 4.67 -14.45 -16.65
CA GLU A 145 5.23 -15.75 -17.00
C GLU A 145 6.26 -16.19 -15.97
N GLY A 146 7.15 -15.27 -15.56
CA GLY A 146 8.15 -15.60 -14.57
C GLY A 146 7.54 -15.94 -13.22
N ALA A 147 6.50 -15.21 -12.83
CA ALA A 147 5.86 -15.46 -11.55
C ALA A 147 5.06 -16.75 -11.58
N TRP A 148 4.45 -17.07 -12.73
CA TRP A 148 3.71 -18.32 -12.86
C TRP A 148 4.59 -19.51 -12.50
N VAL A 149 5.80 -19.56 -13.07
CA VAL A 149 6.66 -20.70 -12.81
C VAL A 149 7.34 -20.58 -11.45
N ARG A 150 7.68 -19.35 -11.04
CA ARG A 150 8.24 -19.13 -9.71
C ARG A 150 7.32 -19.66 -8.62
N ASP A 151 6.03 -19.43 -8.75
CA ASP A 151 5.08 -19.81 -7.70
C ASP A 151 4.55 -21.22 -7.87
N ARG A 152 5.00 -21.93 -8.91
CA ARG A 152 4.65 -23.33 -9.14
C ARG A 152 3.14 -23.52 -9.33
N LEU A 153 2.50 -22.57 -10.00
CA LEU A 153 1.15 -22.84 -10.48
C LEU A 153 1.15 -24.03 -11.40
N GLY A 154 2.20 -24.14 -12.22
CA GLY A 154 2.40 -25.23 -13.15
C GLY A 154 3.81 -25.12 -13.70
N PRO A 155 4.16 -26.02 -14.62
CA PRO A 155 5.54 -26.03 -15.15
C PRO A 155 5.82 -24.95 -16.18
N ALA A 156 4.79 -24.38 -16.80
CA ALA A 156 4.96 -23.36 -17.82
C ALA A 156 3.77 -22.41 -17.74
N PRO A 157 3.92 -21.16 -18.18
CA PRO A 157 2.84 -20.19 -18.07
C PRO A 157 1.57 -20.71 -18.72
N GLY A 158 0.44 -20.47 -18.07
CA GLY A 158 -0.86 -20.88 -18.55
C GLY A 158 -1.20 -22.32 -18.28
N GLN A 159 -0.28 -23.12 -17.74
CA GLN A 159 -0.53 -24.52 -17.44
C GLN A 159 -0.53 -24.73 -15.93
N PHE A 160 -1.51 -25.47 -15.45
CA PHE A 160 -1.62 -25.82 -14.03
C PHE A 160 -1.23 -27.27 -13.81
N PHE A 161 -0.56 -27.53 -12.70
CA PHE A 161 -0.48 -28.90 -12.21
C PHE A 161 -1.89 -29.42 -11.95
N GLU A 162 -2.11 -30.69 -12.24
CA GLU A 162 -3.43 -31.30 -12.06
C GLU A 162 -3.95 -31.09 -10.64
N ASN A 163 -3.07 -31.18 -9.66
CA ASN A 163 -3.48 -31.14 -8.27
C ASN A 163 -3.54 -29.73 -7.71
N SER A 164 -3.38 -28.71 -8.55
CA SER A 164 -3.15 -27.36 -8.04
C SER A 164 -4.25 -26.88 -7.10
N GLN A 165 -3.82 -26.23 -6.02
CA GLN A 165 -4.72 -25.52 -5.11
C GLN A 165 -4.88 -24.05 -5.49
N PHE A 166 -4.30 -23.61 -6.60
CA PHE A 166 -4.45 -22.22 -6.98
C PHE A 166 -5.92 -21.91 -7.28
N PRO A 167 -6.39 -20.71 -6.91
CA PRO A 167 -7.76 -20.31 -7.28
C PRO A 167 -7.89 -19.97 -8.76
N ARG A 168 -8.05 -20.99 -9.59
CA ARG A 168 -8.12 -20.81 -11.03
C ARG A 168 -9.25 -19.86 -11.41
N GLY A 169 -9.03 -19.12 -12.48
CA GLY A 169 -9.96 -18.10 -12.92
C GLY A 169 -9.68 -16.72 -12.36
N TYR A 170 -8.82 -16.64 -11.33
CA TYR A 170 -8.49 -15.37 -10.68
C TYR A 170 -7.02 -15.03 -10.90
N GLU A 171 -6.49 -15.48 -12.04
CA GLU A 171 -5.10 -15.23 -12.41
C GLU A 171 -4.80 -13.75 -12.50
N ASP A 172 -5.66 -12.97 -13.19
CA ASP A 172 -5.41 -11.54 -13.31
C ASP A 172 -5.33 -10.89 -11.94
N ASN A 173 -6.29 -11.20 -11.06
CA ASN A 173 -6.30 -10.63 -9.72
C ASN A 173 -5.00 -10.95 -8.99
N TYR A 174 -4.54 -12.19 -9.09
CA TYR A 174 -3.33 -12.64 -8.42
C TYR A 174 -2.11 -11.87 -8.92
N PHE A 175 -1.87 -11.89 -10.24
CA PHE A 175 -0.67 -11.25 -10.74
C PHE A 175 -0.69 -9.74 -10.54
N LYS A 176 -1.88 -9.13 -10.45
CA LYS A 176 -1.97 -7.70 -10.23
C LYS A 176 -1.43 -7.26 -8.89
N GLU A 177 -1.29 -8.18 -7.93
CA GLU A 177 -0.80 -7.82 -6.60
C GLU A 177 0.73 -7.69 -6.55
N MET A 178 1.43 -8.02 -7.63
CA MET A 178 2.89 -8.13 -7.64
C MET A 178 3.51 -6.93 -8.33
N GLY A 179 4.71 -6.54 -7.88
CA GLY A 179 5.40 -5.44 -8.52
C GLY A 179 6.88 -5.39 -8.20
N PHE A 180 7.51 -4.30 -8.63
CA PHE A 180 8.94 -4.14 -8.49
C PHE A 180 9.30 -3.69 -7.08
N SER A 181 10.60 -3.80 -6.75
CA SER A 181 11.14 -3.24 -5.51
C SER A 181 12.35 -2.40 -5.88
N PRO A 182 12.44 -1.17 -5.39
CA PRO A 182 13.66 -0.40 -5.58
C PRO A 182 14.79 -1.02 -4.77
N SER A 183 16.02 -0.61 -5.10
CA SER A 183 17.23 -1.24 -4.55
C SER A 183 17.56 -0.82 -3.12
N ILE A 184 16.56 -0.68 -2.24
CA ILE A 184 16.83 -0.44 -0.82
C ILE A 184 17.62 -1.61 -0.27
N SER A 185 18.65 -1.31 0.52
CA SER A 185 19.48 -2.36 1.09
C SER A 185 18.67 -3.24 2.03
N SER A 186 18.96 -4.55 2.02
CA SER A 186 18.33 -5.45 2.96
C SER A 186 18.61 -5.04 4.40
N ASP A 187 19.79 -4.46 4.67
CA ASP A 187 20.07 -3.95 6.00
C ASP A 187 18.99 -2.98 6.46
N GLU A 188 18.57 -2.07 5.57
CA GLU A 188 17.58 -1.07 5.95
C GLU A 188 16.18 -1.67 6.08
N ILE A 189 15.88 -2.74 5.32
CA ILE A 189 14.61 -3.42 5.51
C ILE A 189 14.58 -4.12 6.86
N VAL A 190 15.67 -4.84 7.18
CA VAL A 190 15.77 -5.51 8.48
C VAL A 190 15.69 -4.50 9.62
N ASP A 191 16.34 -3.35 9.46
CA ASP A 191 16.31 -2.32 10.50
C ASP A 191 14.88 -1.88 10.82
N ALA A 192 14.06 -1.68 9.80
CA ALA A 192 12.69 -1.24 10.05
C ALA A 192 11.91 -2.27 10.85
N VAL A 193 12.06 -3.56 10.50
CA VAL A 193 11.33 -4.59 11.22
C VAL A 193 11.86 -4.79 12.63
N VAL A 194 13.19 -4.67 12.82
CA VAL A 194 13.72 -4.71 14.19
C VAL A 194 13.06 -3.61 15.04
N LYS A 195 12.93 -2.41 14.47
CA LYS A 195 12.29 -1.32 15.22
C LYS A 195 10.83 -1.62 15.51
N LEU A 196 10.12 -2.24 14.56
CA LEU A 196 8.73 -2.66 14.81
C LEU A 196 8.67 -3.68 15.94
N VAL A 197 9.56 -4.67 15.91
CA VAL A 197 9.57 -5.72 16.94
C VAL A 197 9.89 -5.12 18.31
N THR A 198 10.79 -4.12 18.34
CA THR A 198 11.05 -3.42 19.60
C THR A 198 9.80 -2.73 20.10
N HIS A 199 9.01 -2.15 19.19
CA HIS A 199 7.79 -1.47 19.57
C HIS A 199 6.72 -2.43 20.04
N ILE A 200 6.60 -3.58 19.38
CA ILE A 200 5.49 -4.51 19.67
C ILE A 200 5.72 -5.23 20.98
N GLY A 201 6.95 -5.67 21.24
CA GLY A 201 7.21 -6.63 22.29
C GLY A 201 7.28 -8.03 21.73
N PRO A 202 7.24 -9.03 22.61
CA PRO A 202 7.31 -10.43 22.17
C PRO A 202 6.27 -10.74 21.10
N CYS A 203 6.69 -11.43 20.06
CA CYS A 203 5.86 -11.64 18.88
C CYS A 203 6.39 -12.82 18.08
N VAL A 204 5.63 -13.21 17.06
CA VAL A 204 5.99 -14.31 16.16
C VAL A 204 6.05 -13.74 14.75
N LEU A 205 7.12 -14.06 14.03
CA LEU A 205 7.21 -13.66 12.63
C LEU A 205 6.69 -14.78 11.74
N VAL A 206 5.82 -14.42 10.80
CA VAL A 206 5.35 -15.32 9.77
C VAL A 206 5.78 -14.73 8.44
N THR A 207 6.75 -15.35 7.80
CA THR A 207 7.43 -14.82 6.62
C THR A 207 7.09 -15.64 5.38
N HIS A 208 7.58 -15.16 4.24
CA HIS A 208 7.19 -15.74 2.97
C HIS A 208 8.29 -15.44 1.96
N ALA A 209 8.82 -16.51 1.34
CA ALA A 209 9.68 -16.32 0.19
C ALA A 209 10.82 -15.33 0.49
N ALA A 210 10.89 -14.19 -0.19
CA ALA A 210 12.00 -13.27 0.02
C ALA A 210 12.11 -12.76 1.45
N SER A 211 11.00 -12.72 2.20
CA SER A 211 11.12 -12.24 3.57
C SER A 211 11.64 -13.30 4.55
N GLY A 212 11.79 -14.56 4.11
CA GLY A 212 12.32 -15.58 4.98
C GLY A 212 13.68 -15.25 5.58
N VAL A 213 14.68 -15.01 4.72
CA VAL A 213 16.01 -14.69 5.22
C VAL A 213 15.98 -13.42 6.05
N LEU A 214 15.12 -12.45 5.68
CA LEU A 214 15.06 -11.20 6.41
C LEU A 214 14.51 -11.43 7.82
N GLY A 215 13.51 -12.30 7.96
CA GLY A 215 12.99 -12.61 9.28
C GLY A 215 13.97 -13.36 10.15
N MET A 216 14.75 -14.26 9.55
CA MET A 216 15.82 -14.92 10.29
C MET A 216 16.81 -13.89 10.82
N ARG A 217 17.20 -12.94 9.98
CA ARG A 217 18.10 -11.87 10.40
C ARG A 217 17.48 -11.06 11.54
N VAL A 218 16.21 -10.68 11.40
CA VAL A 218 15.56 -9.91 12.46
C VAL A 218 15.64 -10.65 13.78
N ALA A 219 15.37 -11.95 13.77
CA ALA A 219 15.38 -12.72 15.02
C ALA A 219 16.77 -12.71 15.68
N THR A 220 17.84 -12.68 14.90
CA THR A 220 19.18 -12.64 15.49
C THR A 220 19.47 -11.28 16.13
N HIS A 221 18.71 -10.24 15.77
CA HIS A 221 18.88 -8.91 16.34
C HIS A 221 17.82 -8.56 17.38
N ALA A 222 16.80 -9.40 17.57
CA ALA A 222 15.63 -9.00 18.36
C ALA A 222 15.10 -10.18 19.18
N LYS A 223 15.34 -10.14 20.51
CA LYS A 223 14.90 -11.20 21.42
C LYS A 223 13.42 -11.33 21.49
N ASN A 224 12.71 -10.27 21.11
CA ASN A 224 11.26 -10.32 21.15
C ASN A 224 10.71 -11.30 20.12
N VAL A 225 11.46 -11.65 19.07
CA VAL A 225 10.98 -12.67 18.14
C VAL A 225 11.03 -14.01 18.87
N ARG A 226 9.86 -14.57 19.16
N ARG A 226 9.85 -14.58 19.16
CA ARG A 226 9.75 -15.80 19.94
CA ARG A 226 9.76 -15.80 19.93
C ARG A 226 9.51 -17.04 19.08
C ARG A 226 9.49 -17.04 19.08
N GLY A 227 9.35 -16.87 17.78
CA GLY A 227 9.12 -17.99 16.90
C GLY A 227 9.06 -17.48 15.47
N ILE A 228 9.32 -18.39 14.53
CA ILE A 228 9.28 -18.07 13.11
C ILE A 228 8.58 -19.20 12.38
N VAL A 229 7.61 -18.86 11.54
CA VAL A 229 7.10 -19.77 10.52
C VAL A 229 7.33 -19.10 9.17
N ALA A 230 8.08 -19.77 8.29
CA ALA A 230 8.50 -19.20 7.02
C ALA A 230 7.92 -20.06 5.90
N TYR A 231 7.03 -19.46 5.10
CA TYR A 231 6.47 -20.17 3.95
C TYR A 231 7.41 -20.01 2.75
N GLU A 232 7.90 -21.14 2.24
CA GLU A 232 8.69 -21.17 1.01
C GLU A 232 9.80 -20.13 0.98
N PRO A 233 10.69 -20.10 1.98
CA PRO A 233 11.74 -19.07 2.02
C PRO A 233 12.66 -19.17 0.79
N ALA A 234 13.09 -18.01 0.31
CA ALA A 234 13.83 -17.95 -0.96
C ALA A 234 15.34 -17.99 -0.81
N THR A 235 15.90 -17.53 0.30
CA THR A 235 17.36 -17.51 0.48
C THR A 235 17.71 -18.22 1.78
N SER A 236 18.67 -19.13 1.71
CA SER A 236 19.13 -19.86 2.89
C SER A 236 20.15 -19.03 3.67
N ILE A 237 20.36 -19.42 4.93
CA ILE A 237 21.24 -18.69 5.85
C ILE A 237 22.13 -19.68 6.60
N PHE A 238 23.40 -19.36 6.74
CA PHE A 238 24.37 -20.23 7.39
C PHE A 238 25.35 -19.41 8.20
N PRO A 239 26.11 -20.06 9.09
CA PRO A 239 27.14 -19.28 9.79
C PRO A 239 28.26 -18.91 8.82
N LYS A 240 28.92 -17.79 9.06
CA LYS A 240 30.01 -17.34 8.19
C LYS A 240 31.10 -18.39 8.04
N GLY A 241 31.44 -18.72 6.80
CA GLY A 241 32.51 -19.68 6.56
C GLY A 241 32.07 -21.13 6.69
N LYS A 242 30.79 -21.35 6.99
CA LYS A 242 30.28 -22.71 7.15
C LYS A 242 29.18 -23.00 6.15
N VAL A 243 29.28 -22.46 4.95
CA VAL A 243 28.31 -22.78 3.94
C VAL A 243 28.57 -24.22 3.39
N PRO A 244 27.58 -25.18 3.48
CA PRO A 244 27.87 -26.53 2.99
C PRO A 244 27.87 -26.57 1.46
N GLU A 245 28.30 -27.71 0.93
CA GLU A 245 28.30 -27.92 -0.50
C GLU A 245 26.86 -27.96 -1.00
N ILE A 246 26.56 -27.08 -1.95
CA ILE A 246 25.24 -27.02 -2.56
C ILE A 246 25.43 -27.17 -4.07
N PRO A 247 24.73 -28.10 -4.72
CA PRO A 247 24.99 -28.35 -6.13
C PRO A 247 24.42 -27.24 -7.00
N PRO A 248 24.90 -27.12 -8.23
CA PRO A 248 24.25 -26.21 -9.18
C PRO A 248 22.92 -26.81 -9.61
N LEU A 249 22.16 -26.07 -10.41
CA LEU A 249 20.92 -26.60 -10.93
C LEU A 249 21.19 -27.64 -12.01
N ALA A 250 20.10 -28.27 -12.49
CA ALA A 250 20.22 -29.36 -13.45
C ALA A 250 20.81 -28.90 -14.76
N ASP A 251 20.70 -27.61 -15.09
CA ASP A 251 21.34 -27.11 -16.30
C ASP A 251 22.87 -27.07 -16.19
N LYS A 252 23.40 -27.37 -15.01
CA LYS A 252 24.85 -27.36 -14.73
C LYS A 252 25.49 -26.01 -15.02
N LYS A 253 24.68 -24.95 -15.07
CA LYS A 253 25.14 -23.58 -15.22
C LYS A 253 24.64 -22.67 -14.12
N SER A 254 23.40 -22.84 -13.68
CA SER A 254 22.76 -21.93 -12.74
C SER A 254 23.02 -22.36 -11.30
N GLN A 255 22.93 -21.40 -10.40
CA GLN A 255 23.01 -21.61 -8.97
C GLN A 255 21.76 -21.06 -8.32
N ILE A 256 21.47 -21.51 -7.11
CA ILE A 256 20.41 -20.89 -6.31
C ILE A 256 20.91 -19.55 -5.79
N PHE A 257 20.10 -18.85 -5.00
CA PHE A 257 20.53 -17.58 -4.45
C PHE A 257 21.69 -17.81 -3.49
N PRO A 258 22.78 -17.04 -3.61
CA PRO A 258 23.90 -17.19 -2.66
C PRO A 258 23.43 -17.14 -1.22
N PRO A 259 23.74 -18.14 -0.42
CA PRO A 259 23.26 -18.16 0.97
C PRO A 259 23.82 -16.96 1.75
N PHE A 260 22.98 -16.42 2.63
CA PHE A 260 23.42 -15.33 3.48
C PHE A 260 24.26 -15.90 4.62
N GLU A 261 25.35 -15.22 4.94
CA GLU A 261 26.27 -15.66 5.97
C GLU A 261 26.30 -14.63 7.09
N ILE A 262 26.17 -15.11 8.33
CA ILE A 262 26.18 -14.25 9.50
C ILE A 262 27.14 -14.83 10.52
N GLN A 263 27.69 -13.95 11.37
CA GLN A 263 28.58 -14.38 12.44
C GLN A 263 27.91 -15.43 13.31
N GLU A 264 28.70 -16.43 13.73
CA GLU A 264 28.12 -17.55 14.46
C GLU A 264 27.42 -17.12 15.74
N SER A 265 27.92 -16.07 16.41
CA SER A 265 27.28 -15.62 17.64
C SER A 265 25.86 -15.13 17.38
N TYR A 266 25.60 -14.53 16.21
CA TYR A 266 24.23 -14.19 15.85
C TYR A 266 23.44 -15.41 15.39
N PHE A 267 24.07 -16.27 14.57
CA PHE A 267 23.38 -17.46 14.11
C PHE A 267 22.89 -18.32 15.27
N LYS A 268 23.67 -18.39 16.35
CA LYS A 268 23.30 -19.18 17.52
C LYS A 268 21.97 -18.74 18.10
N LYS A 269 21.59 -17.47 17.92
CA LYS A 269 20.32 -17.03 18.48
C LYS A 269 19.14 -17.74 17.84
N LEU A 270 19.32 -18.23 16.61
CA LEU A 270 18.25 -18.98 15.95
C LEU A 270 17.95 -20.29 16.65
N ALA A 271 18.89 -20.81 17.45
CA ALA A 271 18.63 -22.05 18.16
C ALA A 271 17.77 -21.87 19.39
N LYS A 272 17.47 -20.62 19.78
CA LYS A 272 16.76 -20.36 21.02
C LYS A 272 15.25 -20.26 20.87
N ILE A 273 14.74 -20.34 19.63
CA ILE A 273 13.30 -20.21 19.39
C ILE A 273 12.87 -21.29 18.40
N PRO A 274 11.59 -21.67 18.44
CA PRO A 274 11.09 -22.65 17.46
C PRO A 274 10.98 -22.00 16.09
N ILE A 275 11.43 -22.73 15.06
CA ILE A 275 11.42 -22.25 13.68
C ILE A 275 10.88 -23.36 12.80
N GLN A 276 9.93 -23.03 11.94
CA GLN A 276 9.37 -23.99 11.00
C GLN A 276 9.40 -23.38 9.61
N PHE A 277 9.95 -24.12 8.65
CA PHE A 277 9.85 -23.76 7.24
C PHE A 277 8.77 -24.63 6.62
N VAL A 278 7.88 -24.03 5.84
CA VAL A 278 6.74 -24.73 5.26
C VAL A 278 6.87 -24.68 3.73
N PHE A 279 6.80 -25.85 3.09
CA PHE A 279 6.85 -25.91 1.64
C PHE A 279 5.60 -26.56 1.09
N GLY A 280 5.13 -26.03 -0.06
CA GLY A 280 4.02 -26.60 -0.79
C GLY A 280 4.42 -27.80 -1.61
N ASP A 281 3.68 -28.03 -2.69
CA ASP A 281 3.79 -29.26 -3.47
C ASP A 281 4.49 -28.98 -4.79
N ASN A 282 4.72 -30.06 -5.53
CA ASN A 282 5.23 -30.02 -6.90
C ASN A 282 6.67 -29.54 -7.00
N ILE A 283 7.42 -29.66 -5.92
CA ILE A 283 8.87 -29.49 -5.96
C ILE A 283 9.48 -30.83 -6.35
N PRO A 284 10.20 -30.93 -7.45
CA PRO A 284 10.70 -32.23 -7.90
C PRO A 284 11.73 -32.81 -6.95
N LYS A 285 11.72 -34.14 -6.84
CA LYS A 285 12.77 -34.81 -6.07
C LYS A 285 14.05 -34.95 -6.86
N ASN A 286 13.96 -35.02 -8.19
CA ASN A 286 15.09 -35.30 -9.05
C ASN A 286 15.37 -34.12 -9.97
N PRO A 287 16.58 -34.03 -10.51
CA PRO A 287 16.91 -32.92 -11.41
C PRO A 287 15.90 -32.75 -12.54
N LYS A 288 15.52 -31.49 -12.80
CA LYS A 288 14.49 -31.14 -13.77
C LYS A 288 15.04 -30.04 -14.68
N SER A 289 15.85 -30.44 -15.66
CA SER A 289 16.53 -29.44 -16.51
C SER A 289 15.57 -28.71 -17.43
N ALA A 290 14.40 -29.27 -17.72
CA ALA A 290 13.46 -28.61 -18.62
C ALA A 290 12.72 -27.45 -17.96
N TYR A 291 12.70 -27.39 -16.62
CA TYR A 291 11.87 -26.44 -15.89
C TYR A 291 12.72 -25.76 -14.82
N TRP A 292 13.38 -24.67 -15.20
CA TRP A 292 14.30 -23.98 -14.31
C TRP A 292 13.83 -23.73 -12.89
N PHE A 293 12.64 -23.13 -12.74
CA PHE A 293 12.19 -22.78 -11.41
C PHE A 293 11.81 -23.98 -10.56
N LEU A 294 11.32 -25.05 -11.18
CA LEU A 294 11.02 -26.26 -10.43
C LEU A 294 12.33 -26.78 -9.86
N ASP A 295 13.36 -26.84 -10.70
CA ASP A 295 14.66 -27.29 -10.24
C ASP A 295 15.28 -26.35 -9.22
N TRP A 296 15.08 -25.06 -9.40
CA TRP A 296 15.58 -24.07 -8.45
C TRP A 296 15.00 -24.37 -7.09
N TRP A 297 13.71 -24.62 -7.03
CA TRP A 297 13.08 -24.94 -5.76
C TRP A 297 13.60 -26.23 -5.16
N ARG A 298 13.85 -27.24 -5.98
CA ARG A 298 14.47 -28.47 -5.47
C ARG A 298 15.75 -28.17 -4.72
N VAL A 299 16.65 -27.40 -5.34
CA VAL A 299 17.94 -27.17 -4.71
C VAL A 299 17.83 -26.18 -3.55
N THR A 300 16.94 -25.18 -3.66
CA THR A 300 16.75 -24.23 -2.56
C THR A 300 16.17 -24.92 -1.33
N ARG A 301 15.17 -25.79 -1.52
CA ARG A 301 14.63 -26.55 -0.40
C ARG A 301 15.72 -27.41 0.25
N TYR A 302 16.58 -28.03 -0.57
CA TYR A 302 17.69 -28.81 -0.04
C TYR A 302 18.63 -27.93 0.80
N ALA A 303 18.99 -26.75 0.29
CA ALA A 303 19.83 -25.84 1.05
C ALA A 303 19.20 -25.48 2.39
N HIS A 304 17.89 -25.21 2.39
CA HIS A 304 17.20 -24.90 3.64
C HIS A 304 17.24 -26.09 4.61
N SER A 305 17.14 -27.31 4.09
CA SER A 305 17.22 -28.47 4.98
C SER A 305 18.55 -28.49 5.71
N LEU A 306 19.62 -28.09 5.03
CA LEU A 306 20.94 -28.04 5.66
C LEU A 306 21.05 -26.89 6.65
N SER A 307 20.41 -25.76 6.33
CA SER A 307 20.38 -24.63 7.25
C SER A 307 19.67 -24.99 8.55
N LEU A 308 18.50 -25.63 8.43
CA LEU A 308 17.79 -26.09 9.63
C LEU A 308 18.63 -27.10 10.41
N GLU A 309 19.32 -28.00 9.72
CA GLU A 309 20.18 -28.96 10.40
C GLU A 309 21.26 -28.25 11.21
N ALA A 310 21.83 -27.18 10.65
CA ALA A 310 22.87 -26.44 11.34
C ALA A 310 22.34 -25.78 12.61
N ILE A 311 21.11 -25.26 12.54
CA ILE A 311 20.46 -24.70 13.73
C ILE A 311 20.26 -25.79 14.78
N ASN A 312 19.84 -26.98 14.35
CA ASN A 312 19.58 -28.04 15.31
C ASN A 312 20.87 -28.57 15.94
N LYS A 313 21.99 -28.49 15.23
CA LYS A 313 23.27 -28.90 15.82
C LYS A 313 23.79 -27.88 16.82
N LEU A 314 23.15 -26.71 16.92
CA LEU A 314 23.45 -25.74 17.96
C LEU A 314 22.42 -25.79 19.08
N GLY A 315 21.66 -26.88 19.17
CA GLY A 315 20.65 -27.02 20.20
C GLY A 315 19.29 -26.49 19.85
N GLY A 316 19.03 -26.20 18.57
CA GLY A 316 17.79 -25.55 18.18
C GLY A 316 16.63 -26.51 18.00
N GLN A 317 15.52 -25.96 17.53
CA GLN A 317 14.29 -26.70 17.29
C GLN A 317 13.70 -26.17 15.98
N ALA A 318 14.39 -26.51 14.89
CA ALA A 318 14.09 -26.02 13.56
C ALA A 318 13.61 -27.17 12.69
N SER A 319 12.43 -27.00 12.09
CA SER A 319 11.79 -28.10 11.37
C SER A 319 11.41 -27.66 9.97
N LEU A 320 11.25 -28.66 9.10
CA LEU A 320 10.78 -28.48 7.73
C LEU A 320 9.47 -29.24 7.60
N LEU A 321 8.40 -28.51 7.28
CA LEU A 321 7.10 -29.11 7.05
C LEU A 321 6.80 -29.10 5.57
N ASP A 322 6.73 -30.27 4.96
CA ASP A 322 6.25 -30.42 3.59
C ASP A 322 4.75 -30.65 3.67
N LEU A 323 3.97 -29.72 3.12
CA LEU A 323 2.53 -29.84 3.24
C LEU A 323 1.97 -31.17 2.73
N PRO A 324 2.47 -31.77 1.65
CA PRO A 324 1.96 -33.10 1.27
C PRO A 324 2.08 -34.15 2.35
N THR A 325 3.11 -34.08 3.21
CA THR A 325 3.22 -35.06 4.29
C THR A 325 2.11 -34.88 5.34
N ALA A 326 1.55 -33.67 5.44
CA ALA A 326 0.40 -33.43 6.32
C ALA A 326 -0.93 -33.66 5.63
N GLY A 327 -0.91 -34.24 4.43
CA GLY A 327 -2.13 -34.55 3.72
C GLY A 327 -2.67 -33.46 2.83
N LEU A 328 -1.92 -32.37 2.63
CA LEU A 328 -2.35 -31.27 1.79
C LEU A 328 -1.59 -31.33 0.47
N ARG A 329 -2.32 -31.53 -0.63
CA ARG A 329 -1.71 -31.75 -1.93
C ARG A 329 -1.97 -30.55 -2.84
N GLY A 330 -0.97 -30.19 -3.62
CA GLY A 330 -1.15 -29.22 -4.70
C GLY A 330 -0.88 -27.77 -4.34
N ASN A 331 -0.36 -27.48 -3.17
CA ASN A 331 -0.15 -26.08 -2.81
C ASN A 331 0.92 -25.43 -3.69
N THR A 332 0.68 -24.16 -4.01
CA THR A 332 1.66 -23.33 -4.69
C THR A 332 2.61 -22.75 -3.64
N ALA A 333 3.48 -21.85 -4.09
CA ALA A 333 4.41 -21.12 -3.24
C ALA A 333 3.73 -20.05 -2.38
N PHE A 334 2.40 -19.87 -2.51
CA PHE A 334 1.61 -19.00 -1.64
C PHE A 334 0.54 -19.86 -0.96
N PRO A 335 0.93 -20.80 -0.09
CA PRO A 335 -0.09 -21.71 0.47
C PRO A 335 -1.19 -20.98 1.22
N PHE A 336 -0.87 -19.83 1.81
CA PHE A 336 -1.81 -19.05 2.61
C PHE A 336 -2.84 -18.29 1.78
N THR A 337 -2.75 -18.32 0.44
CA THR A 337 -3.84 -17.82 -0.38
C THR A 337 -4.46 -18.88 -1.29
N ASP A 338 -4.00 -20.13 -1.21
CA ASP A 338 -4.52 -21.22 -2.02
C ASP A 338 -5.93 -21.60 -1.55
N ARG A 339 -6.57 -22.49 -2.33
CA ARG A 339 -7.95 -22.88 -2.03
C ARG A 339 -8.07 -23.57 -0.67
N ASN A 340 -7.00 -24.21 -0.21
CA ASN A 340 -7.02 -24.91 1.08
C ASN A 340 -6.34 -24.11 2.18
N ASN A 341 -6.35 -22.80 2.07
CA ASN A 341 -5.64 -21.98 3.06
C ASN A 341 -6.14 -22.10 4.50
N VAL A 342 -7.39 -22.50 4.69
CA VAL A 342 -7.90 -22.72 6.05
C VAL A 342 -7.17 -23.90 6.67
N GLN A 343 -6.91 -24.93 5.88
CA GLN A 343 -6.17 -26.08 6.38
C GLN A 343 -4.71 -25.72 6.62
N VAL A 344 -4.16 -24.84 5.80
CA VAL A 344 -2.79 -24.38 6.02
C VAL A 344 -2.75 -23.58 7.32
N ALA A 345 -3.77 -22.76 7.56
CA ALA A 345 -3.85 -21.99 8.80
C ALA A 345 -3.96 -22.89 10.00
N SER A 346 -4.67 -23.99 9.86
CA SER A 346 -4.84 -24.91 10.97
C SER A 346 -3.47 -25.45 11.40
N LEU A 347 -2.60 -25.71 10.43
CA LEU A 347 -1.26 -26.20 10.74
C LEU A 347 -0.41 -25.12 11.40
N LEU A 348 -0.64 -23.85 11.05
CA LEU A 348 0.05 -22.77 11.76
C LEU A 348 -0.45 -22.65 13.19
N SER A 349 -1.76 -22.72 13.41
CA SER A 349 -2.30 -22.73 14.76
C SER A 349 -1.73 -23.89 15.57
N ASP A 350 -1.56 -25.06 14.94
CA ASP A 350 -0.98 -26.20 15.64
C ASP A 350 0.44 -25.90 16.11
N PHE A 351 1.25 -25.27 15.26
CA PHE A 351 2.61 -24.89 15.63
C PHE A 351 2.59 -23.88 16.78
N LEU A 352 1.74 -22.86 16.68
CA LEU A 352 1.63 -21.87 17.75
C LEU A 352 1.22 -22.54 19.06
N GLY A 353 0.27 -23.47 19.00
CA GLY A 353 -0.19 -24.12 20.21
C GLY A 353 0.84 -25.04 20.84
N LYS A 354 1.54 -25.82 20.01
CA LYS A 354 2.60 -26.70 20.52
C LYS A 354 3.63 -25.92 21.31
N HIS A 355 3.97 -24.73 20.87
CA HIS A 355 5.04 -23.96 21.49
C HIS A 355 4.55 -22.91 22.48
N GLY A 356 3.28 -22.97 22.87
CA GLY A 356 2.79 -22.07 23.89
C GLY A 356 2.71 -20.63 23.46
N LEU A 357 2.72 -20.38 22.14
CA LEU A 357 2.62 -19.04 21.60
C LEU A 357 1.18 -18.57 21.45
N ASP A 358 0.21 -19.39 21.84
CA ASP A 358 -1.21 -19.05 21.84
C ASP A 358 -1.78 -18.97 23.24
N GLN A 359 -0.92 -18.82 24.24
CA GLN A 359 -1.31 -18.72 25.65
C GLN A 359 -0.71 -17.45 26.23
N ASN A 360 -1.42 -16.85 27.17
CA ASN A 360 -0.97 -15.59 27.78
C ASN A 360 0.06 -15.85 28.88
N LYS B 12 -15.17 3.28 21.38
CA LYS B 12 -14.48 4.23 20.51
C LYS B 12 -13.57 3.52 19.51
N ARG B 13 -12.78 2.58 19.99
CA ARG B 13 -11.87 1.87 19.08
C ARG B 13 -12.50 0.59 18.58
N LYS B 14 -13.48 0.07 19.30
CA LYS B 14 -14.10 -1.18 18.91
C LYS B 14 -14.80 -1.12 17.57
N VAL B 15 -14.52 -2.10 16.71
CA VAL B 15 -15.16 -2.15 15.40
C VAL B 15 -15.64 -3.59 15.12
N VAL B 16 -16.85 -3.74 14.63
CA VAL B 16 -17.42 -5.06 14.33
C VAL B 16 -17.71 -5.15 12.84
N LEU B 17 -17.06 -6.10 12.18
CA LEU B 17 -17.16 -6.24 10.73
C LEU B 17 -17.88 -7.53 10.39
N ALA B 18 -18.95 -7.41 9.62
CA ALA B 18 -19.54 -8.60 9.00
C ALA B 18 -18.55 -9.25 8.04
N GLU B 19 -17.73 -8.46 7.36
CA GLU B 19 -16.69 -8.99 6.49
C GLU B 19 -15.72 -7.88 6.16
N GLN B 20 -14.51 -8.27 5.77
CA GLN B 20 -13.49 -7.35 5.30
C GLN B 20 -12.64 -8.07 4.28
N GLY B 21 -11.92 -7.29 3.48
CA GLY B 21 -11.01 -7.89 2.52
C GLY B 21 -10.46 -6.83 1.59
N SER B 22 -9.74 -7.31 0.58
CA SER B 22 -9.22 -6.41 -0.43
C SER B 22 -9.12 -7.15 -1.75
N PHE B 23 -8.98 -6.35 -2.81
CA PHE B 23 -8.90 -6.91 -4.15
C PHE B 23 -8.30 -5.88 -5.08
N TYR B 24 -7.89 -6.36 -6.25
CA TYR B 24 -7.36 -5.52 -7.33
C TYR B 24 -8.42 -5.36 -8.40
N ILE B 25 -8.47 -4.18 -9.01
CA ILE B 25 -9.43 -3.90 -10.08
C ILE B 25 -8.79 -2.92 -11.05
N GLY B 26 -9.19 -3.02 -12.31
CA GLY B 26 -8.74 -2.09 -13.32
C GLY B 26 -7.36 -2.43 -13.84
N GLY B 27 -6.87 -1.56 -14.72
CA GLY B 27 -5.55 -1.76 -15.30
C GLY B 27 -5.63 -2.44 -16.65
N ARG B 28 -4.45 -2.63 -17.22
CA ARG B 28 -4.29 -3.27 -18.53
C ARG B 28 -2.99 -4.07 -18.52
N THR B 29 -2.67 -4.69 -19.65
CA THR B 29 -1.41 -5.40 -19.80
C THR B 29 -0.59 -4.84 -20.95
N VAL B 30 0.74 -5.01 -20.85
CA VAL B 30 1.68 -4.72 -21.92
C VAL B 30 2.68 -5.89 -21.96
N THR B 31 3.32 -6.15 -23.12
CA THR B 31 4.41 -7.14 -23.17
C THR B 31 5.69 -6.60 -23.76
N GLY B 32 6.73 -7.37 -23.50
CA GLY B 32 7.99 -7.24 -24.20
C GLY B 32 8.01 -8.15 -25.41
N PRO B 33 9.15 -8.21 -26.08
CA PRO B 33 9.25 -9.00 -27.31
C PRO B 33 9.57 -10.46 -27.01
N GLY B 34 9.33 -11.29 -28.00
CA GLY B 34 9.82 -12.66 -27.94
C GLY B 34 8.93 -13.62 -27.17
N LYS B 35 9.54 -14.73 -26.76
CA LYS B 35 8.82 -15.85 -26.19
C LYS B 35 9.50 -16.25 -24.89
N PHE B 36 8.71 -16.72 -23.93
CA PHE B 36 9.21 -17.14 -22.63
C PHE B 36 9.55 -18.62 -22.68
N ASP B 37 10.79 -18.96 -22.30
CA ASP B 37 11.24 -20.33 -22.28
C ASP B 37 11.45 -20.77 -20.84
N PRO B 38 10.61 -21.68 -20.31
CA PRO B 38 10.75 -22.07 -18.90
C PRO B 38 12.01 -22.84 -18.56
N SER B 39 12.79 -23.27 -19.57
CA SER B 39 14.03 -23.99 -19.30
C SER B 39 15.21 -23.06 -19.05
N LYS B 40 15.11 -21.84 -19.42
CA LYS B 40 16.15 -20.84 -19.31
C LYS B 40 16.06 -20.14 -17.95
N PRO B 41 17.19 -19.64 -17.43
CA PRO B 41 17.16 -18.99 -16.12
C PRO B 41 16.12 -17.87 -16.07
N VAL B 42 15.23 -17.96 -15.08
CA VAL B 42 14.13 -17.00 -14.97
C VAL B 42 14.57 -15.74 -14.25
N ILE B 43 15.60 -15.83 -13.42
CA ILE B 43 16.14 -14.70 -12.67
C ILE B 43 17.62 -14.60 -13.03
N PRO B 44 18.14 -13.40 -13.32
CA PRO B 44 17.49 -12.08 -13.33
C PRO B 44 16.31 -11.97 -14.31
N TYR B 45 15.26 -11.28 -13.89
CA TYR B 45 14.05 -11.23 -14.69
C TYR B 45 14.30 -10.48 -15.99
N SER B 46 13.57 -10.89 -17.02
CA SER B 46 13.73 -10.36 -18.37
C SER B 46 12.38 -9.89 -18.89
N ASN B 47 12.41 -8.93 -19.82
CA ASN B 47 11.22 -8.54 -20.57
C ASN B 47 10.89 -9.53 -21.69
N GLU B 48 11.75 -10.51 -21.96
CA GLU B 48 11.52 -11.42 -23.08
C GLU B 48 10.31 -12.31 -22.81
N GLY B 49 9.34 -12.28 -23.73
CA GLY B 49 8.10 -13.02 -23.59
C GLY B 49 7.25 -12.64 -22.40
N ALA B 50 7.39 -11.42 -21.90
CA ALA B 50 6.85 -11.03 -20.60
C ALA B 50 5.56 -10.26 -20.74
N THR B 51 4.48 -10.71 -20.06
CA THR B 51 3.27 -9.93 -19.88
C THR B 51 3.33 -9.22 -18.53
N PHE B 52 3.05 -7.92 -18.53
CA PHE B 52 3.04 -7.12 -17.30
C PHE B 52 1.66 -6.53 -17.09
N TYR B 53 1.11 -6.68 -15.88
CA TYR B 53 -0.12 -5.99 -15.50
C TYR B 53 0.24 -4.60 -14.98
N ILE B 54 -0.34 -3.56 -15.57
CA ILE B 54 -0.03 -2.19 -15.19
C ILE B 54 -1.28 -1.39 -14.89
N ASN B 55 -1.12 -0.41 -13.99
CA ASN B 55 -2.11 0.63 -13.72
C ASN B 55 -3.35 0.12 -12.99
N GLN B 56 -3.27 -1.06 -12.36
CA GLN B 56 -4.35 -1.58 -11.54
C GLN B 56 -4.40 -0.85 -10.20
N MET B 57 -5.56 -0.94 -9.56
CA MET B 57 -5.85 -0.25 -8.31
C MET B 57 -6.10 -1.26 -7.19
N TYR B 58 -5.63 -0.94 -5.99
CA TYR B 58 -5.91 -1.73 -4.81
C TYR B 58 -7.13 -1.16 -4.10
N VAL B 59 -8.01 -2.06 -3.62
CA VAL B 59 -9.24 -1.67 -2.95
C VAL B 59 -9.39 -2.49 -1.68
N ASN B 60 -9.65 -1.83 -0.55
CA ASN B 60 -9.93 -2.47 0.72
C ASN B 60 -11.38 -2.16 1.09
N PHE B 61 -12.09 -3.14 1.65
CA PHE B 61 -13.45 -2.90 2.13
C PHE B 61 -13.62 -3.45 3.54
N GLN B 62 -14.45 -2.75 4.31
CA GLN B 62 -14.90 -3.18 5.63
C GLN B 62 -16.40 -2.93 5.72
N ALA B 63 -17.15 -3.99 5.98
CA ALA B 63 -18.61 -3.87 6.01
C ALA B 63 -19.10 -4.10 7.42
N PRO B 64 -19.93 -3.22 7.96
CA PRO B 64 -20.51 -3.45 9.28
C PRO B 64 -21.62 -4.49 9.19
N VAL B 65 -22.10 -4.91 10.36
CA VAL B 65 -23.22 -5.82 10.40
C VAL B 65 -24.43 -4.92 10.17
N ARG B 66 -25.31 -5.29 9.25
CA ARG B 66 -26.49 -4.47 8.92
C ARG B 66 -26.17 -3.03 8.54
N PRO B 67 -25.55 -2.84 7.37
CA PRO B 67 -25.25 -1.48 6.94
C PRO B 67 -26.50 -0.67 6.62
N ARG B 68 -26.48 0.61 6.92
CA ARG B 68 -27.60 1.45 6.54
C ARG B 68 -27.09 2.52 5.59
N GLY B 69 -27.71 2.59 4.42
CA GLY B 69 -27.30 3.60 3.49
C GLY B 69 -26.25 3.19 2.51
N LEU B 70 -25.69 4.17 1.83
CA LEU B 70 -24.76 3.83 0.79
C LEU B 70 -23.30 3.57 1.19
N PRO B 71 -22.60 2.60 0.49
CA PRO B 71 -21.17 2.48 0.79
C PRO B 71 -20.45 3.79 0.47
N LEU B 72 -19.41 4.06 1.24
CA LEU B 72 -18.55 5.23 1.06
C LEU B 72 -17.23 4.78 0.46
N VAL B 73 -16.75 5.52 -0.53
CA VAL B 73 -15.46 5.26 -1.17
C VAL B 73 -14.55 6.43 -0.82
N PHE B 74 -13.57 6.17 0.05
CA PHE B 74 -12.62 7.20 0.48
C PHE B 74 -11.41 7.18 -0.43
N TRP B 75 -11.11 8.33 -1.03
CA TRP B 75 -10.10 8.47 -2.09
C TRP B 75 -9.05 9.49 -1.64
N HIS B 76 -7.87 8.98 -1.28
CA HIS B 76 -6.77 9.78 -0.78
C HIS B 76 -6.34 10.85 -1.78
N GLY B 77 -5.75 11.92 -1.25
CA GLY B 77 -5.18 12.98 -2.06
C GLY B 77 -3.83 12.62 -2.66
N GLY B 78 -3.18 13.64 -3.22
CA GLY B 78 -1.97 13.46 -4.00
C GLY B 78 -0.82 12.92 -3.17
N GLY B 79 -0.17 11.86 -3.66
CA GLY B 79 0.98 11.30 -2.97
C GLY B 79 0.66 10.54 -1.71
N LEU B 80 -0.60 10.16 -1.51
CA LEU B 80 -1.05 9.51 -0.29
C LEU B 80 -1.55 8.10 -0.60
N THR B 81 -2.08 7.43 0.43
CA THR B 81 -2.67 6.10 0.31
C THR B 81 -3.87 6.03 1.23
N GLY B 82 -4.55 4.87 1.21
CA GLY B 82 -5.66 4.63 2.13
C GLY B 82 -5.31 4.74 3.60
N HIS B 83 -4.01 4.75 3.95
CA HIS B 83 -3.61 4.93 5.35
C HIS B 83 -4.29 6.12 5.99
N ILE B 84 -4.47 7.22 5.23
CA ILE B 84 -4.97 8.45 5.83
C ILE B 84 -6.41 8.33 6.30
N TRP B 85 -7.14 7.34 5.81
CA TRP B 85 -8.48 7.05 6.29
C TRP B 85 -8.50 6.00 7.38
N GLU B 86 -7.38 5.30 7.60
CA GLU B 86 -7.32 4.25 8.61
C GLU B 86 -7.05 4.81 10.00
N SER B 87 -6.06 5.70 10.11
CA SER B 87 -5.61 6.22 11.39
C SER B 87 -5.05 7.61 11.15
N THR B 88 -5.08 8.42 12.20
CA THR B 88 -4.39 9.70 12.19
C THR B 88 -2.91 9.48 12.47
N PRO B 89 -2.07 10.50 12.26
CA PRO B 89 -0.63 10.32 12.53
C PRO B 89 -0.32 9.96 13.97
N ASP B 90 -1.16 10.40 14.91
CA ASP B 90 -0.99 10.07 16.31
C ASP B 90 -1.78 8.84 16.74
N GLY B 91 -2.32 8.08 15.79
CA GLY B 91 -2.90 6.79 16.12
C GLY B 91 -4.34 6.79 16.54
N ARG B 92 -5.06 7.89 16.37
CA ARG B 92 -6.49 7.90 16.63
C ARG B 92 -7.23 7.31 15.43
N PRO B 93 -8.46 6.83 15.63
CA PRO B 93 -9.19 6.21 14.52
C PRO B 93 -9.41 7.19 13.37
N GLY B 94 -9.23 6.67 12.14
CA GLY B 94 -9.55 7.40 10.96
C GLY B 94 -11.01 7.23 10.55
N PHE B 95 -11.35 7.87 9.43
CA PHE B 95 -12.73 7.84 8.94
C PHE B 95 -13.21 6.44 8.58
N GLN B 96 -12.29 5.52 8.23
CA GLN B 96 -12.70 4.15 7.96
C GLN B 96 -13.40 3.55 9.18
N THR B 97 -12.74 3.60 10.33
CA THR B 97 -13.36 3.11 11.57
C THR B 97 -14.62 3.91 11.91
N LEU B 98 -14.54 5.25 11.85
CA LEU B 98 -15.67 6.06 12.29
C LEU B 98 -16.91 5.78 11.47
N PHE B 99 -16.76 5.53 10.17
CA PHE B 99 -17.93 5.33 9.33
C PHE B 99 -18.42 3.90 9.29
N VAL B 100 -17.57 2.91 9.56
CA VAL B 100 -18.07 1.57 9.85
C VAL B 100 -18.91 1.59 11.12
N GLN B 101 -18.42 2.30 12.15
CA GLN B 101 -19.23 2.49 13.35
C GLN B 101 -20.52 3.22 13.03
N ASP B 102 -20.51 4.11 12.03
CA ASP B 102 -21.70 4.83 11.56
C ASP B 102 -22.55 4.00 10.60
N ARG B 103 -22.27 2.70 10.53
CA ARG B 103 -23.07 1.70 9.82
C ARG B 103 -23.02 1.83 8.30
N HIS B 104 -21.93 2.36 7.75
CA HIS B 104 -21.68 2.32 6.31
C HIS B 104 -20.60 1.29 6.00
N THR B 105 -20.79 0.55 4.92
CA THR B 105 -19.67 -0.17 4.33
C THR B 105 -18.68 0.86 3.79
N VAL B 106 -17.39 0.61 4.04
CA VAL B 106 -16.35 1.59 3.72
C VAL B 106 -15.33 0.93 2.79
N TYR B 107 -15.12 1.55 1.64
CA TYR B 107 -14.06 1.18 0.72
C TYR B 107 -12.96 2.23 0.82
N THR B 108 -11.70 1.77 0.92
CA THR B 108 -10.55 2.65 0.86
C THR B 108 -9.65 2.17 -0.25
N ILE B 109 -9.17 3.09 -1.09
CA ILE B 109 -8.41 2.70 -2.28
C ILE B 109 -6.99 3.21 -2.18
N ASP B 110 -6.09 2.50 -2.84
CA ASP B 110 -4.78 3.02 -3.21
C ASP B 110 -4.82 3.11 -4.73
N GLN B 111 -4.92 4.33 -5.27
CA GLN B 111 -5.14 4.50 -6.70
C GLN B 111 -3.92 4.01 -7.49
N PRO B 112 -4.10 3.74 -8.78
CA PRO B 112 -2.95 3.37 -9.61
C PRO B 112 -1.79 4.34 -9.43
N GLY B 113 -0.60 3.81 -9.19
CA GLY B 113 0.57 4.63 -9.01
C GLY B 113 0.90 4.96 -7.57
N ARG B 114 0.05 4.56 -6.63
CA ARG B 114 0.24 4.92 -5.22
C ARG B 114 0.03 3.71 -4.32
N GLY B 115 0.91 3.56 -3.33
CA GLY B 115 0.71 2.52 -2.33
C GLY B 115 0.63 1.13 -2.94
N ARG B 116 -0.43 0.41 -2.59
CA ARG B 116 -0.63 -0.94 -3.11
C ARG B 116 -1.13 -0.97 -4.55
N GLY B 117 -1.46 0.20 -5.11
CA GLY B 117 -1.69 0.28 -6.55
C GLY B 117 -0.42 0.01 -7.32
N ASN B 118 -0.58 -0.24 -8.62
CA ASN B 118 0.59 -0.59 -9.43
C ASN B 118 1.47 0.61 -9.71
N ILE B 119 2.78 0.40 -9.62
CA ILE B 119 3.76 1.33 -10.15
C ILE B 119 4.35 0.69 -11.41
N PRO B 120 4.05 1.20 -12.60
CA PRO B 120 4.41 0.50 -13.84
C PRO B 120 5.87 0.63 -14.22
N THR B 121 6.69 -0.32 -13.80
CA THR B 121 8.09 -0.36 -14.19
C THR B 121 8.51 -1.80 -14.44
N PHE B 122 9.63 -1.96 -15.12
CA PHE B 122 9.95 -3.23 -15.77
C PHE B 122 11.42 -3.57 -15.57
N ASN B 123 12.04 -4.23 -16.53
CA ASN B 123 13.48 -4.48 -16.49
C ASN B 123 14.13 -3.44 -17.40
N GLY B 124 14.73 -2.42 -16.79
CA GLY B 124 15.24 -1.29 -17.52
C GLY B 124 15.05 0.00 -16.74
N PRO B 125 15.43 1.13 -17.33
CA PRO B 125 15.22 2.42 -16.66
C PRO B 125 13.77 2.59 -16.23
N PHE B 126 13.58 3.20 -15.07
CA PHE B 126 12.24 3.32 -14.47
C PHE B 126 11.19 3.73 -15.48
N GLY B 127 10.12 2.95 -15.55
CA GLY B 127 8.96 3.24 -16.36
C GLY B 127 9.07 2.86 -17.83
N GLN B 128 10.21 2.35 -18.26
CA GLN B 128 10.48 2.08 -19.67
C GLN B 128 10.39 0.59 -19.94
N LEU B 129 9.58 0.22 -20.94
CA LEU B 129 9.45 -1.15 -21.41
C LEU B 129 10.00 -1.17 -22.83
N GLU B 130 11.23 -1.67 -22.95
CA GLU B 130 11.98 -1.56 -24.20
C GLU B 130 11.97 -0.11 -24.66
N GLU B 131 11.40 0.15 -25.83
CA GLU B 131 11.39 1.50 -26.38
C GLU B 131 10.09 2.26 -26.09
N GLU B 132 9.21 1.71 -25.25
CA GLU B 132 7.99 2.41 -24.86
C GLU B 132 8.16 3.02 -23.48
N SER B 133 7.80 4.29 -23.36
CA SER B 133 7.82 5.00 -22.08
C SER B 133 6.42 4.88 -21.49
N ILE B 134 6.26 3.96 -20.54
CA ILE B 134 4.97 3.81 -19.89
C ILE B 134 4.73 4.95 -18.90
N VAL B 135 5.73 5.24 -18.06
CA VAL B 135 5.75 6.44 -17.24
C VAL B 135 7.14 7.04 -17.32
N ASN B 136 7.25 8.31 -16.93
CA ASN B 136 8.52 9.03 -17.05
C ASN B 136 9.57 8.49 -16.07
N THR B 137 10.82 8.45 -16.53
CA THR B 137 11.92 8.07 -15.66
C THR B 137 12.23 9.16 -14.63
N VAL B 138 12.04 10.42 -15.02
CA VAL B 138 12.21 11.55 -14.12
C VAL B 138 10.97 11.66 -13.25
N THR B 139 11.16 11.64 -11.92
CA THR B 139 10.06 11.78 -10.99
C THR B 139 10.02 13.17 -10.38
N GLY B 140 8.91 13.47 -9.73
CA GLY B 140 8.81 14.62 -8.85
C GLY B 140 8.27 14.16 -7.52
N ASN B 141 8.57 14.94 -6.48
CA ASN B 141 8.11 14.57 -5.14
C ASN B 141 8.25 15.76 -4.22
N SER B 142 7.23 16.02 -3.40
CA SER B 142 7.30 17.11 -2.45
C SER B 142 8.29 16.80 -1.35
N SER B 143 8.86 17.84 -0.76
CA SER B 143 9.64 17.72 0.45
C SER B 143 8.72 17.85 1.67
N LYS B 144 9.29 17.56 2.85
CA LYS B 144 8.60 17.87 4.10
C LYS B 144 8.19 19.33 4.14
N GLU B 145 9.10 20.20 3.73
CA GLU B 145 8.86 21.65 3.77
C GLU B 145 7.75 22.06 2.82
N GLY B 146 7.76 21.53 1.60
CA GLY B 146 6.68 21.81 0.67
C GLY B 146 5.34 21.32 1.17
N ALA B 147 5.32 20.13 1.78
CA ALA B 147 4.06 19.59 2.28
C ALA B 147 3.57 20.37 3.50
N TRP B 148 4.50 20.84 4.34
CA TRP B 148 4.13 21.62 5.51
C TRP B 148 3.29 22.82 5.11
N VAL B 149 3.75 23.56 4.09
CA VAL B 149 3.02 24.77 3.69
C VAL B 149 1.81 24.44 2.83
N ARG B 150 1.93 23.41 1.97
CA ARG B 150 0.79 22.94 1.18
C ARG B 150 -0.39 22.60 2.06
N ASP B 151 -0.15 21.92 3.17
CA ASP B 151 -1.23 21.44 4.02
C ASP B 151 -1.64 22.46 5.07
N ARG B 152 -1.00 23.63 5.07
CA ARG B 152 -1.35 24.72 5.97
C ARG B 152 -1.20 24.33 7.44
N LEU B 153 -0.15 23.58 7.77
CA LEU B 153 0.21 23.43 9.18
C LEU B 153 0.57 24.79 9.78
N GLY B 154 1.27 25.60 8.99
CA GLY B 154 1.68 26.92 9.38
C GLY B 154 2.17 27.64 8.13
N PRO B 155 2.51 28.92 8.25
CA PRO B 155 2.96 29.67 7.06
C PRO B 155 4.36 29.28 6.59
N ALA B 156 5.17 28.68 7.45
CA ALA B 156 6.52 28.25 7.07
C ALA B 156 6.82 26.98 7.84
N PRO B 157 7.74 26.14 7.34
CA PRO B 157 8.07 24.91 8.05
C PRO B 157 8.52 25.17 9.48
N GLY B 158 8.05 24.32 10.40
CA GLY B 158 8.36 24.46 11.80
C GLY B 158 7.36 25.30 12.57
N GLN B 159 6.57 26.11 11.88
CA GLN B 159 5.60 27.01 12.50
C GLN B 159 4.19 26.44 12.40
N PHE B 160 3.39 26.74 13.41
CA PHE B 160 2.01 26.29 13.42
C PHE B 160 1.11 27.48 13.57
N PHE B 161 -0.03 27.45 12.90
CA PHE B 161 -0.99 28.51 13.07
C PHE B 161 -1.56 28.45 14.47
N GLU B 162 -1.97 29.57 15.01
CA GLU B 162 -2.61 29.56 16.32
C GLU B 162 -3.85 28.70 16.26
N ASN B 163 -4.16 28.00 17.35
CA ASN B 163 -5.34 27.14 17.42
C ASN B 163 -5.31 25.98 16.44
N SER B 164 -4.12 25.57 16.05
CA SER B 164 -3.95 24.46 15.11
C SER B 164 -4.55 23.15 15.59
N GLN B 165 -5.16 22.41 14.67
CA GLN B 165 -5.69 21.09 15.03
C GLN B 165 -4.77 19.98 14.56
N PHE B 166 -3.60 20.32 14.05
CA PHE B 166 -2.66 19.27 13.66
C PHE B 166 -2.21 18.49 14.89
N PRO B 167 -2.09 17.16 14.77
CA PRO B 167 -1.54 16.35 15.87
C PRO B 167 -0.06 16.66 16.07
N ARG B 168 0.25 17.76 16.72
CA ARG B 168 1.62 18.22 16.90
C ARG B 168 2.43 17.22 17.71
N GLY B 169 3.67 17.01 17.31
CA GLY B 169 4.53 15.99 17.85
C GLY B 169 4.61 14.74 16.99
N TYR B 170 3.69 14.60 16.04
CA TYR B 170 3.62 13.44 15.16
C TYR B 170 3.98 13.80 13.73
N GLU B 171 4.83 14.82 13.57
CA GLU B 171 5.27 15.26 12.25
C GLU B 171 5.95 14.13 11.49
N ASP B 172 6.81 13.34 12.15
CA ASP B 172 7.50 12.26 11.46
C ASP B 172 6.49 11.27 10.88
N ASN B 173 5.51 10.85 11.70
CA ASN B 173 4.49 9.90 11.23
C ASN B 173 3.75 10.46 10.03
N TYR B 174 3.35 11.72 10.12
CA TYR B 174 2.56 12.38 9.08
C TYR B 174 3.33 12.44 7.76
N PHE B 175 4.53 13.02 7.77
CA PHE B 175 5.24 13.17 6.51
C PHE B 175 5.67 11.84 5.94
N LYS B 176 5.88 10.81 6.77
CA LYS B 176 6.25 9.49 6.27
C LYS B 176 5.18 8.85 5.41
N GLU B 177 3.93 9.31 5.49
CA GLU B 177 2.86 8.71 4.71
C GLU B 177 2.82 9.19 3.26
N MET B 178 3.65 10.17 2.90
CA MET B 178 3.59 10.85 1.60
C MET B 178 4.69 10.38 0.68
N GLY B 179 4.40 10.34 -0.62
CA GLY B 179 5.43 9.97 -1.58
C GLY B 179 5.11 10.44 -2.99
N PHE B 180 5.93 9.97 -3.92
CA PHE B 180 5.82 10.37 -5.32
C PHE B 180 4.72 9.58 -6.02
N SER B 181 4.30 10.10 -7.18
CA SER B 181 3.39 9.39 -8.07
C SER B 181 4.02 9.33 -9.46
N PRO B 182 4.09 8.15 -10.07
CA PRO B 182 4.54 8.07 -11.46
C PRO B 182 3.51 8.73 -12.36
N SER B 183 3.96 9.05 -13.58
CA SER B 183 3.16 9.84 -14.51
C SER B 183 2.03 9.06 -15.20
N ILE B 184 1.30 8.21 -14.46
CA ILE B 184 0.13 7.56 -15.03
C ILE B 184 -0.89 8.62 -15.39
N SER B 185 -1.52 8.46 -16.56
CA SER B 185 -2.48 9.45 -17.00
C SER B 185 -3.69 9.50 -16.06
N SER B 186 -4.22 10.70 -15.88
CA SER B 186 -5.44 10.85 -15.08
C SER B 186 -6.59 10.07 -15.68
N ASP B 187 -6.62 9.92 -17.01
CA ASP B 187 -7.64 9.11 -17.67
C ASP B 187 -7.67 7.69 -17.09
N GLU B 188 -6.49 7.09 -16.90
CA GLU B 188 -6.43 5.71 -16.43
C GLU B 188 -6.73 5.61 -14.94
N ILE B 189 -6.42 6.65 -14.16
CA ILE B 189 -6.82 6.65 -12.76
C ILE B 189 -8.34 6.72 -12.65
N VAL B 190 -8.95 7.64 -13.40
CA VAL B 190 -10.41 7.75 -13.42
C VAL B 190 -11.03 6.44 -13.88
N ASP B 191 -10.44 5.81 -14.88
CA ASP B 191 -10.99 4.55 -15.40
C ASP B 191 -11.08 3.49 -14.33
N ALA B 192 -10.03 3.37 -13.50
CA ALA B 192 -10.04 2.35 -12.46
C ALA B 192 -11.17 2.59 -11.48
N VAL B 193 -11.40 3.85 -11.09
CA VAL B 193 -12.45 4.12 -10.12
C VAL B 193 -13.83 3.97 -10.74
N VAL B 194 -14.00 4.32 -12.02
CA VAL B 194 -15.26 4.04 -12.69
C VAL B 194 -15.58 2.55 -12.62
N LYS B 195 -14.57 1.71 -12.86
CA LYS B 195 -14.78 0.27 -12.78
C LYS B 195 -15.14 -0.17 -11.36
N LEU B 196 -14.49 0.42 -10.34
CA LEU B 196 -14.87 0.10 -8.97
C LEU B 196 -16.31 0.49 -8.70
N VAL B 197 -16.72 1.68 -9.14
CA VAL B 197 -18.09 2.15 -8.90
C VAL B 197 -19.10 1.25 -9.59
N THR B 198 -18.78 0.75 -10.78
CA THR B 198 -19.65 -0.23 -11.42
C THR B 198 -19.76 -1.49 -10.59
N HIS B 199 -18.66 -1.94 -9.99
CA HIS B 199 -18.66 -3.16 -9.20
C HIS B 199 -19.47 -3.00 -7.92
N ILE B 200 -19.40 -1.83 -7.29
CA ILE B 200 -19.99 -1.63 -5.97
C ILE B 200 -21.48 -1.35 -6.06
N GLY B 201 -21.90 -0.63 -7.09
CA GLY B 201 -23.26 -0.10 -7.18
C GLY B 201 -23.32 1.31 -6.61
N PRO B 202 -24.54 1.79 -6.37
CA PRO B 202 -24.71 3.14 -5.79
C PRO B 202 -23.81 3.37 -4.59
N CYS B 203 -23.14 4.52 -4.57
CA CYS B 203 -22.14 4.80 -3.56
C CYS B 203 -21.91 6.31 -3.50
N VAL B 204 -21.14 6.72 -2.49
CA VAL B 204 -20.75 8.11 -2.29
C VAL B 204 -19.24 8.18 -2.37
N LEU B 205 -18.71 9.15 -3.12
CA LEU B 205 -17.27 9.37 -3.17
C LEU B 205 -16.88 10.44 -2.15
N VAL B 206 -15.85 10.15 -1.35
CA VAL B 206 -15.28 11.12 -0.43
C VAL B 206 -13.84 11.32 -0.87
N THR B 207 -13.53 12.49 -1.39
CA THR B 207 -12.27 12.76 -2.05
C THR B 207 -11.47 13.78 -1.26
N HIS B 208 -10.25 14.04 -1.73
CA HIS B 208 -9.33 14.84 -0.96
C HIS B 208 -8.32 15.44 -1.92
N ALA B 209 -8.20 16.77 -1.91
CA ALA B 209 -7.12 17.41 -2.63
C ALA B 209 -7.03 16.94 -4.08
N ALA B 210 -5.92 16.29 -4.47
CA ALA B 210 -5.73 15.91 -5.87
C ALA B 210 -6.82 14.96 -6.38
N SER B 211 -7.48 14.20 -5.51
CA SER B 211 -8.54 13.32 -6.00
C SER B 211 -9.88 14.04 -6.19
N GLY B 212 -9.99 15.29 -5.77
CA GLY B 212 -11.23 16.03 -5.98
C GLY B 212 -11.68 16.08 -7.42
N VAL B 213 -10.83 16.60 -8.31
CA VAL B 213 -11.22 16.70 -9.71
C VAL B 213 -11.43 15.32 -10.31
N LEU B 214 -10.67 14.32 -9.85
CA LEU B 214 -10.83 12.97 -10.39
C LEU B 214 -12.19 12.40 -10.00
N GLY B 215 -12.64 12.65 -8.77
CA GLY B 215 -13.95 12.20 -8.36
C GLY B 215 -15.08 12.89 -9.11
N MET B 216 -14.94 14.18 -9.37
CA MET B 216 -15.92 14.87 -10.21
C MET B 216 -16.00 14.19 -11.58
N ARG B 217 -14.85 13.87 -12.17
CA ARG B 217 -14.82 13.19 -13.46
C ARG B 217 -15.50 11.83 -13.38
N VAL B 218 -15.17 11.04 -12.35
CA VAL B 218 -15.82 9.74 -12.20
C VAL B 218 -17.33 9.87 -12.19
N ALA B 219 -17.86 10.86 -11.45
CA ALA B 219 -19.30 11.03 -11.34
C ALA B 219 -19.93 11.30 -12.70
N THR B 220 -19.24 12.04 -13.57
CA THR B 220 -19.80 12.30 -14.90
C THR B 220 -19.83 11.04 -15.77
N HIS B 221 -19.06 10.01 -15.42
CA HIS B 221 -19.03 8.76 -16.17
C HIS B 221 -19.79 7.63 -15.49
N ALA B 222 -20.28 7.84 -14.26
CA ALA B 222 -20.81 6.75 -13.45
C ALA B 222 -22.02 7.25 -12.67
N LYS B 223 -23.22 6.90 -13.15
CA LYS B 223 -24.46 7.25 -12.47
C LYS B 223 -24.55 6.68 -11.06
N ASN B 224 -23.76 5.65 -10.75
CA ASN B 224 -23.81 5.08 -9.42
C ASN B 224 -23.25 6.03 -8.37
N VAL B 225 -22.45 7.02 -8.76
CA VAL B 225 -22.01 8.02 -7.77
C VAL B 225 -23.22 8.86 -7.41
N ARG B 226 -23.72 8.71 -6.19
N ARG B 226 -23.71 8.72 -6.19
CA ARG B 226 -24.91 9.39 -5.73
CA ARG B 226 -24.92 9.41 -5.73
C ARG B 226 -24.62 10.65 -4.91
C ARG B 226 -24.62 10.64 -4.90
N GLY B 227 -23.35 10.91 -4.62
CA GLY B 227 -22.98 12.09 -3.87
C GLY B 227 -21.47 12.18 -3.83
N ILE B 228 -20.99 13.41 -3.61
CA ILE B 228 -19.56 13.69 -3.48
C ILE B 228 -19.34 14.62 -2.30
N VAL B 229 -18.42 14.27 -1.41
CA VAL B 229 -17.85 15.21 -0.45
C VAL B 229 -16.37 15.30 -0.75
N ALA B 230 -15.88 16.50 -1.03
CA ALA B 230 -14.48 16.70 -1.41
C ALA B 230 -13.80 17.60 -0.39
N TYR B 231 -12.80 17.06 0.30
CA TYR B 231 -12.00 17.84 1.23
C TYR B 231 -10.88 18.54 0.47
N GLU B 232 -10.88 19.87 0.53
CA GLU B 232 -9.81 20.70 -0.01
C GLU B 232 -9.38 20.31 -1.43
N PRO B 233 -10.32 20.23 -2.38
CA PRO B 233 -9.94 19.83 -3.75
C PRO B 233 -8.90 20.76 -4.35
N ALA B 234 -7.98 20.18 -5.12
CA ALA B 234 -6.82 20.90 -5.62
C ALA B 234 -7.03 21.52 -7.00
N THR B 235 -7.86 20.93 -7.86
CA THR B 235 -8.07 21.44 -9.21
C THR B 235 -9.56 21.64 -9.44
N SER B 236 -9.93 22.81 -9.96
CA SER B 236 -11.33 23.13 -10.26
C SER B 236 -11.75 22.56 -11.62
N ILE B 237 -13.05 22.52 -11.84
CA ILE B 237 -13.61 21.91 -13.04
C ILE B 237 -14.74 22.80 -13.58
N PHE B 238 -14.77 22.97 -14.90
CA PHE B 238 -15.73 23.86 -15.56
C PHE B 238 -16.15 23.24 -16.88
N PRO B 239 -17.28 23.69 -17.44
CA PRO B 239 -17.62 23.30 -18.81
C PRO B 239 -16.60 23.91 -19.76
N LYS B 240 -16.32 23.15 -20.79
CA LYS B 240 -15.32 23.55 -21.78
C LYS B 240 -15.67 24.92 -22.37
N GLY B 241 -14.66 25.79 -22.46
CA GLY B 241 -14.85 27.12 -22.99
C GLY B 241 -15.52 28.09 -22.05
N LYS B 242 -15.88 27.64 -20.85
CA LYS B 242 -16.59 28.49 -19.90
C LYS B 242 -15.84 28.67 -18.59
N VAL B 243 -14.52 28.64 -18.64
CA VAL B 243 -13.73 28.92 -17.44
C VAL B 243 -13.76 30.42 -17.21
N PRO B 244 -14.19 30.85 -16.03
CA PRO B 244 -14.23 32.28 -15.71
C PRO B 244 -12.86 32.87 -15.51
N GLU B 245 -12.81 34.19 -15.45
CA GLU B 245 -11.55 34.86 -15.21
C GLU B 245 -11.07 34.51 -13.81
N ILE B 246 -9.86 34.03 -13.71
CA ILE B 246 -9.31 33.68 -12.42
C ILE B 246 -8.02 34.47 -12.28
N PRO B 247 -7.90 35.25 -11.21
CA PRO B 247 -6.72 36.10 -11.07
C PRO B 247 -5.44 35.33 -10.81
N PRO B 248 -4.29 35.90 -11.21
CA PRO B 248 -3.04 35.25 -10.86
C PRO B 248 -2.78 35.43 -9.37
N LEU B 249 -1.75 34.78 -8.83
CA LEU B 249 -1.44 34.89 -7.42
C LEU B 249 -0.82 36.26 -7.12
N ALA B 250 -0.68 36.54 -5.83
CA ALA B 250 -0.19 37.84 -5.38
C ALA B 250 1.24 38.12 -5.84
N ASP B 251 2.01 37.08 -6.18
CA ASP B 251 3.36 37.30 -6.72
C ASP B 251 3.34 37.82 -8.18
N LYS B 252 2.14 38.09 -8.71
CA LYS B 252 1.93 38.63 -10.06
C LYS B 252 2.39 37.67 -11.16
N LYS B 253 2.95 36.52 -10.80
CA LYS B 253 3.58 35.63 -11.77
C LYS B 253 3.02 34.23 -11.79
N SER B 254 2.59 33.68 -10.66
CA SER B 254 2.08 32.32 -10.62
C SER B 254 0.57 32.29 -10.81
N GLN B 255 0.08 31.11 -11.18
CA GLN B 255 -1.34 30.85 -11.30
C GLN B 255 -1.65 29.55 -10.55
N ILE B 256 -2.93 29.34 -10.29
CA ILE B 256 -3.38 28.08 -9.70
C ILE B 256 -3.32 26.99 -10.76
N PHE B 257 -3.74 25.78 -10.41
CA PHE B 257 -3.71 24.69 -11.38
C PHE B 257 -4.70 24.99 -12.50
N PRO B 258 -4.32 24.85 -13.77
CA PRO B 258 -5.27 25.06 -14.87
C PRO B 258 -6.53 24.26 -14.66
N PRO B 259 -7.70 24.90 -14.62
CA PRO B 259 -8.94 24.17 -14.38
C PRO B 259 -9.17 23.13 -15.46
N PHE B 260 -9.74 21.99 -15.06
CA PHE B 260 -10.10 20.95 -15.99
C PHE B 260 -11.41 21.31 -16.68
N GLU B 261 -11.45 21.11 -17.98
CA GLU B 261 -12.62 21.44 -18.80
C GLU B 261 -13.20 20.18 -19.40
N ILE B 262 -14.49 19.99 -19.21
CA ILE B 262 -15.21 18.84 -19.77
C ILE B 262 -16.36 19.33 -20.62
N GLN B 263 -16.80 18.49 -21.54
CA GLN B 263 -17.94 18.82 -22.38
C GLN B 263 -19.17 19.06 -21.51
N GLU B 264 -20.00 20.03 -21.91
CA GLU B 264 -21.10 20.44 -21.04
C GLU B 264 -22.08 19.32 -20.77
N SER B 265 -22.26 18.39 -21.72
CA SER B 265 -23.17 17.30 -21.47
C SER B 265 -22.70 16.42 -20.32
N TYR B 266 -21.39 16.29 -20.14
CA TYR B 266 -20.86 15.60 -18.97
C TYR B 266 -20.91 16.48 -17.72
N PHE B 267 -20.55 17.76 -17.85
CA PHE B 267 -20.63 18.66 -16.70
C PHE B 267 -22.03 18.68 -16.11
N LYS B 268 -23.05 18.63 -16.96
CA LYS B 268 -24.44 18.66 -16.50
C LYS B 268 -24.76 17.53 -15.54
N LYS B 269 -24.07 16.40 -15.66
CA LYS B 269 -24.33 15.28 -14.75
C LYS B 269 -23.99 15.62 -13.31
N LEU B 270 -23.10 16.59 -13.09
CA LEU B 270 -22.78 16.99 -11.73
C LEU B 270 -23.95 17.71 -11.06
N ALA B 271 -24.91 18.21 -11.85
CA ALA B 271 -26.06 18.90 -11.28
C ALA B 271 -27.11 17.94 -10.73
N LYS B 272 -26.95 16.62 -10.93
CA LYS B 272 -27.96 15.64 -10.55
C LYS B 272 -27.72 15.01 -9.18
N ILE B 273 -26.61 15.34 -8.51
CA ILE B 273 -26.29 14.71 -7.23
C ILE B 273 -25.82 15.77 -6.26
N PRO B 274 -25.99 15.53 -4.95
CA PRO B 274 -25.46 16.48 -3.96
C PRO B 274 -23.94 16.43 -3.93
N ILE B 275 -23.32 17.61 -3.90
CA ILE B 275 -21.88 17.78 -3.90
C ILE B 275 -21.52 18.82 -2.85
N GLN B 276 -20.59 18.49 -1.96
CA GLN B 276 -20.13 19.42 -0.95
C GLN B 276 -18.62 19.47 -1.00
N PHE B 277 -18.05 20.67 -1.08
CA PHE B 277 -16.61 20.89 -0.93
C PHE B 277 -16.37 21.42 0.48
N VAL B 278 -15.36 20.88 1.16
CA VAL B 278 -15.08 21.22 2.56
C VAL B 278 -13.68 21.81 2.65
N PHE B 279 -13.56 22.98 3.26
CA PHE B 279 -12.26 23.62 3.46
C PHE B 279 -11.99 23.84 4.93
N GLY B 280 -10.73 23.65 5.31
CA GLY B 280 -10.26 23.93 6.66
C GLY B 280 -9.97 25.41 6.86
N ASP B 281 -9.09 25.69 7.81
CA ASP B 281 -8.86 27.04 8.29
C ASP B 281 -7.59 27.63 7.68
N ASN B 282 -7.39 28.93 7.94
CA ASN B 282 -6.16 29.64 7.60
C ASN B 282 -5.94 29.87 6.11
N ILE B 283 -6.99 29.80 5.30
CA ILE B 283 -6.93 30.27 3.93
C ILE B 283 -7.15 31.78 3.97
N PRO B 284 -6.23 32.60 3.49
CA PRO B 284 -6.39 34.05 3.65
C PRO B 284 -7.51 34.60 2.79
N LYS B 285 -8.11 35.68 3.28
CA LYS B 285 -9.10 36.39 2.48
C LYS B 285 -8.45 37.33 1.46
N ASN B 286 -7.29 37.87 1.79
CA ASN B 286 -6.61 38.87 0.98
C ASN B 286 -5.31 38.32 0.41
N PRO B 287 -4.80 38.92 -0.67
CA PRO B 287 -3.53 38.46 -1.24
C PRO B 287 -2.42 38.37 -0.20
N LYS B 288 -1.64 37.29 -0.28
CA LYS B 288 -0.53 37.04 0.66
C LYS B 288 0.72 36.71 -0.16
N SER B 289 1.44 37.74 -0.59
CA SER B 289 2.61 37.53 -1.44
C SER B 289 3.74 36.81 -0.71
N ALA B 290 3.78 36.87 0.63
CA ALA B 290 4.89 36.29 1.37
C ALA B 290 4.78 34.78 1.51
N TYR B 291 3.59 34.21 1.30
CA TYR B 291 3.34 32.79 1.56
C TYR B 291 2.62 32.19 0.36
N TRP B 292 3.41 31.63 -0.54
CA TRP B 292 2.90 31.21 -1.85
C TRP B 292 1.74 30.25 -1.72
N PHE B 293 1.85 29.23 -0.85
CA PHE B 293 0.79 28.23 -0.81
C PHE B 293 -0.47 28.74 -0.12
N LEU B 294 -0.33 29.67 0.83
CA LEU B 294 -1.53 30.30 1.39
C LEU B 294 -2.28 31.08 0.32
N ASP B 295 -1.54 31.82 -0.51
CA ASP B 295 -2.19 32.59 -1.57
C ASP B 295 -2.77 31.67 -2.64
N TRP B 296 -2.06 30.57 -2.94
CA TRP B 296 -2.57 29.58 -3.87
C TRP B 296 -3.91 29.03 -3.40
N TRP B 297 -4.03 28.72 -2.10
CA TRP B 297 -5.31 28.22 -1.60
C TRP B 297 -6.41 29.26 -1.68
N ARG B 298 -6.08 30.54 -1.41
CA ARG B 298 -7.06 31.60 -1.56
C ARG B 298 -7.67 31.59 -2.96
N VAL B 299 -6.82 31.57 -3.99
CA VAL B 299 -7.35 31.67 -5.35
C VAL B 299 -7.97 30.35 -5.79
N THR B 300 -7.42 29.22 -5.35
CA THR B 300 -8.02 27.93 -5.68
C THR B 300 -9.42 27.80 -5.07
N ARG B 301 -9.58 28.19 -3.81
CA ARG B 301 -10.90 28.15 -3.19
C ARG B 301 -11.87 29.04 -3.94
N TYR B 302 -11.41 30.22 -4.37
CA TYR B 302 -12.24 31.11 -5.17
C TYR B 302 -12.69 30.43 -6.46
N ALA B 303 -11.75 29.82 -7.18
CA ALA B 303 -12.10 29.10 -8.40
C ALA B 303 -13.14 28.01 -8.11
N HIS B 304 -12.99 27.28 -7.02
CA HIS B 304 -13.99 26.27 -6.67
C HIS B 304 -15.34 26.90 -6.39
N SER B 305 -15.39 28.06 -5.77
CA SER B 305 -16.68 28.73 -5.56
C SER B 305 -17.40 28.97 -6.87
N LEU B 306 -16.64 29.32 -7.90
CA LEU B 306 -17.24 29.59 -9.21
C LEU B 306 -17.66 28.29 -9.88
N SER B 307 -16.91 27.22 -9.66
CA SER B 307 -17.27 25.93 -10.22
C SER B 307 -18.60 25.45 -9.63
N LEU B 308 -18.74 25.59 -8.31
CA LEU B 308 -19.98 25.19 -7.66
C LEU B 308 -21.13 26.04 -8.14
N GLU B 309 -20.88 27.33 -8.38
CA GLU B 309 -21.93 28.21 -8.89
C GLU B 309 -22.39 27.75 -10.26
N ALA B 310 -21.46 27.36 -11.11
CA ALA B 310 -21.80 26.87 -12.44
C ALA B 310 -22.67 25.62 -12.36
N ILE B 311 -22.37 24.72 -11.42
CA ILE B 311 -23.18 23.53 -11.24
C ILE B 311 -24.59 23.91 -10.81
N ASN B 312 -24.69 24.85 -9.87
CA ASN B 312 -26.00 25.27 -9.39
C ASN B 312 -26.83 26.01 -10.44
N LYS B 313 -26.17 26.74 -11.33
CA LYS B 313 -26.88 27.45 -12.40
C LYS B 313 -27.53 26.44 -13.32
N LEU B 314 -26.95 25.24 -13.41
CA LEU B 314 -27.50 24.16 -14.20
C LEU B 314 -28.47 23.27 -13.42
N GLY B 315 -28.92 23.72 -12.26
CA GLY B 315 -29.89 22.99 -11.49
C GLY B 315 -29.33 22.14 -10.38
N GLY B 316 -28.06 22.33 -10.03
CA GLY B 316 -27.36 21.44 -9.14
C GLY B 316 -27.68 21.65 -7.68
N GLN B 317 -26.98 20.88 -6.84
CA GLN B 317 -27.08 20.91 -5.40
C GLN B 317 -25.68 20.91 -4.81
N ALA B 318 -24.92 21.94 -5.15
CA ALA B 318 -23.50 22.04 -4.82
C ALA B 318 -23.31 23.11 -3.75
N SER B 319 -22.46 22.82 -2.76
CA SER B 319 -22.26 23.75 -1.67
C SER B 319 -20.82 23.71 -1.21
N LEU B 320 -20.42 24.80 -0.57
CA LEU B 320 -19.07 24.97 -0.02
C LEU B 320 -19.21 25.12 1.47
N LEU B 321 -18.55 24.24 2.23
CA LEU B 321 -18.56 24.30 3.69
C LEU B 321 -17.18 24.71 4.15
N ASP B 322 -17.07 25.90 4.74
CA ASP B 322 -15.87 26.34 5.42
C ASP B 322 -16.01 25.88 6.87
N LEU B 323 -15.11 25.00 7.31
CA LEU B 323 -15.21 24.48 8.66
C LEU B 323 -15.28 25.55 9.74
N PRO B 324 -14.56 26.68 9.65
CA PRO B 324 -14.72 27.72 10.67
C PRO B 324 -16.14 28.25 10.80
N THR B 325 -16.89 28.34 9.70
CA THR B 325 -18.26 28.82 9.80
C THR B 325 -19.14 27.83 10.55
N ALA B 326 -18.76 26.55 10.54
CA ALA B 326 -19.46 25.53 11.31
C ALA B 326 -18.96 25.44 12.76
N GLY B 327 -18.08 26.33 13.18
CA GLY B 327 -17.59 26.37 14.55
C GLY B 327 -16.33 25.58 14.81
N LEU B 328 -15.64 25.13 13.77
CA LEU B 328 -14.44 24.32 13.90
C LEU B 328 -13.25 25.16 13.44
N ARG B 329 -12.36 25.49 14.37
CA ARG B 329 -11.21 26.34 14.08
C ARG B 329 -9.93 25.53 14.03
N GLY B 330 -9.04 25.89 13.11
CA GLY B 330 -7.69 25.39 13.14
C GLY B 330 -7.41 24.19 12.26
N ASN B 331 -8.35 23.79 11.40
CA ASN B 331 -8.11 22.60 10.61
C ASN B 331 -7.06 22.86 9.54
N THR B 332 -6.27 21.83 9.27
CA THR B 332 -5.31 21.82 8.17
C THR B 332 -6.05 21.37 6.92
N ALA B 333 -5.30 21.15 5.84
CA ALA B 333 -5.79 20.61 4.59
C ALA B 333 -6.12 19.11 4.68
N PHE B 334 -5.87 18.46 5.84
CA PHE B 334 -6.31 17.09 6.09
C PHE B 334 -7.26 17.09 7.29
N PRO B 335 -8.46 17.67 7.17
CA PRO B 335 -9.31 17.78 8.37
C PRO B 335 -9.70 16.44 8.98
N PHE B 336 -9.77 15.38 8.16
CA PHE B 336 -10.14 14.04 8.59
C PHE B 336 -9.04 13.32 9.36
N THR B 337 -7.83 13.89 9.49
CA THR B 337 -6.83 13.36 10.42
C THR B 337 -6.43 14.34 11.52
N ASP B 338 -7.03 15.53 11.55
CA ASP B 338 -6.74 16.51 12.58
C ASP B 338 -7.31 16.07 13.94
N ARG B 339 -6.95 16.78 14.99
CA ARG B 339 -7.40 16.42 16.35
C ARG B 339 -8.90 16.45 16.53
N ASN B 340 -9.60 17.25 15.74
CA ASN B 340 -11.05 17.34 15.81
C ASN B 340 -11.74 16.52 14.73
N ASN B 341 -11.09 15.47 14.25
CA ASN B 341 -11.66 14.71 13.14
C ASN B 341 -13.01 14.04 13.43
N VAL B 342 -13.33 13.81 14.70
CA VAL B 342 -14.64 13.27 15.05
C VAL B 342 -15.72 14.30 14.73
N GLN B 343 -15.43 15.56 15.00
CA GLN B 343 -16.38 16.63 14.70
C GLN B 343 -16.48 16.82 13.19
N VAL B 344 -15.37 16.64 12.48
CA VAL B 344 -15.40 16.72 11.03
C VAL B 344 -16.26 15.57 10.50
N ALA B 345 -16.09 14.39 11.07
CA ALA B 345 -16.91 13.24 10.66
C ALA B 345 -18.39 13.48 10.93
N SER B 346 -18.70 14.16 12.02
CA SER B 346 -20.09 14.45 12.35
C SER B 346 -20.73 15.29 11.26
N LEU B 347 -19.98 16.25 10.71
CA LEU B 347 -20.50 17.06 9.60
C LEU B 347 -20.70 16.23 8.33
N LEU B 348 -19.86 15.23 8.12
CA LEU B 348 -20.05 14.35 6.97
C LEU B 348 -21.31 13.51 7.18
N SER B 349 -21.49 12.98 8.38
CA SER B 349 -22.70 12.23 8.69
C SER B 349 -23.93 13.10 8.48
N ASP B 350 -23.84 14.38 8.84
CA ASP B 350 -24.96 15.30 8.62
C ASP B 350 -25.30 15.42 7.14
N PHE B 351 -24.29 15.56 6.29
CA PHE B 351 -24.52 15.65 4.85
C PHE B 351 -25.19 14.38 4.34
N LEU B 352 -24.66 13.23 4.75
CA LEU B 352 -25.23 11.97 4.32
C LEU B 352 -26.69 11.86 4.76
N GLY B 353 -26.97 12.25 5.99
CA GLY B 353 -28.35 12.18 6.47
C GLY B 353 -29.28 13.15 5.76
N LYS B 354 -28.81 14.36 5.48
CA LYS B 354 -29.62 15.37 4.78
C LYS B 354 -30.17 14.82 3.47
N HIS B 355 -29.37 14.04 2.77
CA HIS B 355 -29.72 13.54 1.46
C HIS B 355 -30.17 12.09 1.46
N GLY B 356 -30.41 11.51 2.64
CA GLY B 356 -30.87 10.15 2.72
C GLY B 356 -29.86 9.10 2.34
N LEU B 357 -28.59 9.46 2.22
CA LEU B 357 -27.53 8.54 1.87
C LEU B 357 -27.12 7.64 3.03
N ASP B 358 -27.74 7.81 4.19
CA ASP B 358 -27.57 6.92 5.35
C ASP B 358 -28.82 6.06 5.60
N GLN B 359 -29.68 5.91 4.60
CA GLN B 359 -30.88 5.10 4.74
C GLN B 359 -30.95 4.08 3.61
N ASN B 360 -31.57 2.95 3.89
CA ASN B 360 -31.67 1.86 2.93
C ASN B 360 -32.77 2.04 1.88
C4 1TB C . 12.74 -16.52 -5.97
C5 1TB C . 11.77 -17.17 -5.21
C6 1TB C . 10.75 -16.42 -4.65
C1 1TB C . 10.68 -15.03 -4.82
C2 1TB C . 11.70 -14.33 -5.61
C3 1TB C . 12.71 -15.13 -6.17
C11 1TB C . 9.55 -14.30 -4.16
O12 1TB C . 8.28 -14.38 -4.79
C13 1TB C . 7.14 -13.82 -4.16
O11 1TB C . 9.69 -13.69 -3.10
S7 1TB C . 11.71 -12.75 -5.92
N8 1TB C . 13.21 -12.37 -6.24
C9 1TB C . 13.59 -11.27 -6.87
O7A 1TB C . 10.85 -12.57 -7.05
O7B 1TB C . 11.22 -11.98 -4.82
O9 1TB C . 12.80 -10.40 -7.21
N10 1TB C . 14.89 -11.15 -7.15
C2' 1TB C . 15.83 -11.60 -6.21
N1' 1TB C . 15.49 -11.76 -4.92
C6' 1TB C . 16.40 -12.18 -4.02
N5' 1TB C . 17.66 -12.44 -4.43
C4' 1TB C . 17.99 -12.28 -5.72
N3' 1TB C . 17.09 -11.85 -6.62
C10 1TB C . 15.39 -10.55 -8.38
O4' 1TB C . 19.27 -12.54 -6.13
C5' 1TB C . 20.24 -12.94 -5.16
C7' 1TB C . 16.00 -12.36 -2.59
O1 TLA D . 11.32 -35.49 -9.79
O11 TLA D . 9.78 -35.71 -8.24
C1 TLA D . 10.15 -35.73 -9.42
C2 TLA D . 9.11 -36.03 -10.44
O2 TLA D . 9.69 -35.95 -11.75
C3 TLA D . 7.97 -35.02 -10.31
O3 TLA D . 8.50 -33.69 -10.40
C4 TLA D . 6.99 -35.24 -11.41
O4 TLA D . 6.92 -34.41 -12.33
O41 TLA D . 6.26 -36.26 -11.36
C1 GOL E . 3.41 -8.92 -13.32
O1 GOL E . 2.41 -8.00 -13.65
C2 GOL E . 4.27 -8.28 -12.25
O2 GOL E . 5.15 -7.42 -12.84
C3 GOL E . 4.98 -9.48 -11.54
O3 GOL E . 5.98 -8.89 -10.72
C4 1TB F . -1.74 21.15 -4.44
C5 1TB F . -2.64 20.99 -3.39
C6 1TB F . -2.78 19.73 -2.82
C1 1TB F . -2.06 18.64 -3.30
C2 1TB F . -1.11 18.80 -4.41
C3 1TB F . -0.99 20.09 -4.94
C11 1TB F . -2.28 17.33 -2.63
O12 1TB F . -1.74 17.14 -1.33
C13 1TB F . -2.07 15.94 -0.60
O11 1TB F . -2.99 16.46 -3.15
S7 1TB F . -0.20 17.60 -4.99
N8 1TB F . 0.28 18.08 -6.44
C9 1TB F . 1.28 17.55 -7.13
O7A 1TB F . 0.92 17.41 -4.12
O7B 1TB F . -0.94 16.36 -5.14
O9 1TB F . 1.96 16.62 -6.69
N10 1TB F . 1.53 18.07 -8.33
C2' 1TB F . 0.47 18.47 -9.15
N1' 1TB F . -0.77 17.97 -8.97
C6' 1TB F . -1.79 18.36 -9.76
N5' 1TB F . -1.55 19.24 -10.75
C4' 1TB F . -0.32 19.74 -10.94
N3' 1TB F . 0.70 19.36 -10.15
C10 1TB F . 2.87 18.26 -8.87
O4' 1TB F . -0.11 20.64 -11.96
C5' 1TB F . -1.21 21.05 -12.76
C7' 1TB F . -3.17 17.81 -9.55
O1 TLA G . -3.12 36.01 8.57
O11 TLA G . -4.72 36.97 9.72
C1 TLA G . -4.30 36.41 8.70
C2 TLA G . -5.25 36.18 7.56
O2 TLA G . -4.61 35.39 6.56
C3 TLA G . -5.63 37.53 6.97
O3 TLA G . -4.45 38.23 6.58
C4 TLA G . -6.51 37.30 5.78
O4 TLA G . -6.13 37.71 4.66
O41 TLA G . -7.58 36.69 5.97
C1 GOL H . 6.49 14.35 0.80
O1 GOL H . 5.95 13.92 -0.43
C2 GOL H . 7.61 13.31 1.15
O2 GOL H . 8.47 13.14 0.09
C3 GOL H . 8.39 13.92 2.29
O3 GOL H . 9.12 12.89 2.90
#